data_5ZRN
#
_entry.id   5ZRN
#
_cell.length_a   129.647
_cell.length_b   129.647
_cell.length_c   185.965
_cell.angle_alpha   90.000
_cell.angle_beta   90.000
_cell.angle_gamma   90.000
#
_symmetry.space_group_name_H-M   'I 41 2 2'
#
loop_
_entity.id
_entity.type
_entity.pdbx_description
1 polymer 'Long-chain-fatty-acid--CoA ligase FadD13'
2 non-polymer "5'-O-{[(1R)-1-hydroxydodecyl]sulfamoyl}adenosine"
3 water water
#
_entity_poly.entity_id   1
_entity_poly.type   'polypeptide(L)'
_entity_poly.pdbx_seq_one_letter_code
;MKNIGWMLRQRATVSPRLQAYVEPSTDVRMTYAQMNALANRCADVLTALGIAKGDRVALLMPNSVEFCCLFYGAAKLGAV
AVPINTRLAAPEVSFILSDSGSKVVIYGAPSAPVIDAIRAQADPPGTVTDWIGADSLAERLRSAAADEPAVECGGDDNLF
IMYTSGTTGHPKGVVHTHESVHSAASSWASTIDVRYRDRLLLPLPMFHVAALTTVIFSAMRGVTLISMPQFDATKVWSLI
VEERVCIGGAVPAILNFMRQVPEFAELDAPDFRYFITGGAPMPEALIKIYAAKNIEVVQGYALTESCGGGTLLLSEDALR
KAGSAGRATMFTDVAVRGDDGVIREHGEGEVVIKSDILLKEYWNRPEATRDAFDNGWFRTGDIGEIDDEGYLYIKDRL
;
_entity_poly.pdbx_strand_id   A,B
#
# COMPACT_ATOMS: atom_id res chain seq x y z
N MET A 1 -16.85 -10.85 33.09
CA MET A 1 -16.51 -10.42 31.70
C MET A 1 -15.01 -10.56 31.45
N LYS A 2 -14.64 -10.71 30.18
CA LYS A 2 -13.24 -10.83 29.78
C LYS A 2 -12.66 -9.43 29.56
N ASN A 3 -11.36 -9.28 29.80
CA ASN A 3 -10.69 -8.01 29.60
C ASN A 3 -9.30 -8.33 29.05
N ILE A 4 -9.04 -7.91 27.82
CA ILE A 4 -7.76 -8.19 27.16
C ILE A 4 -6.57 -7.77 28.00
N GLY A 5 -6.70 -6.64 28.69
CA GLY A 5 -5.62 -6.17 29.55
C GLY A 5 -5.43 -7.07 30.77
N TRP A 6 -6.52 -7.50 31.39
CA TRP A 6 -6.42 -8.37 32.55
C TRP A 6 -5.71 -9.67 32.13
N MET A 7 -6.03 -10.14 30.93
CA MET A 7 -5.45 -11.36 30.42
C MET A 7 -3.91 -11.30 30.40
N LEU A 8 -3.35 -10.15 30.04
CA LEU A 8 -1.89 -9.99 30.01
C LEU A 8 -1.35 -10.19 31.42
N ARG A 9 -2.05 -9.61 32.38
CA ARG A 9 -1.68 -9.71 33.77
C ARG A 9 -1.72 -11.18 34.22
N GLN A 10 -2.82 -11.85 33.89
CA GLN A 10 -2.97 -13.24 34.26
C GLN A 10 -1.85 -14.07 33.66
N ARG A 11 -1.44 -13.73 32.43
CA ARG A 11 -0.36 -14.47 31.80
C ARG A 11 0.93 -14.22 32.58
N ALA A 12 1.08 -12.99 33.07
CA ALA A 12 2.26 -12.60 33.83
C ALA A 12 2.22 -13.23 35.23
N THR A 13 1.07 -13.81 35.58
CA THR A 13 0.92 -14.47 36.87
C THR A 13 1.30 -15.92 36.69
N VAL A 14 0.90 -16.48 35.56
CA VAL A 14 1.19 -17.86 35.23
C VAL A 14 2.61 -18.10 34.76
N SER A 15 3.09 -17.26 33.83
CA SER A 15 4.43 -17.39 33.26
C SER A 15 5.20 -16.08 33.42
N PRO A 16 5.36 -15.60 34.66
CA PRO A 16 6.09 -14.34 34.89
C PRO A 16 7.45 -14.19 34.21
N ARG A 17 8.25 -15.24 34.19
CA ARG A 17 9.57 -15.17 33.59
C ARG A 17 9.67 -15.71 32.17
N LEU A 18 8.52 -16.02 31.57
CA LEU A 18 8.50 -16.53 30.20
C LEU A 18 8.73 -15.39 29.20
N GLN A 19 9.60 -15.63 28.22
CA GLN A 19 9.88 -14.61 27.22
C GLN A 19 8.62 -14.29 26.44
N ALA A 20 8.23 -13.02 26.45
CA ALA A 20 7.02 -12.57 25.78
C ALA A 20 7.26 -11.79 24.50
N TYR A 21 8.26 -10.91 24.52
CA TYR A 21 8.57 -10.09 23.36
C TYR A 21 10.07 -10.12 23.07
N VAL A 22 10.43 -10.61 21.90
CA VAL A 22 11.83 -10.71 21.49
C VAL A 22 12.08 -9.96 20.18
N GLU A 23 12.82 -8.86 20.25
CA GLU A 23 13.11 -8.04 19.06
C GLU A 23 14.61 -7.85 18.86
N PRO A 24 15.25 -8.78 18.14
CA PRO A 24 16.70 -8.72 17.88
C PRO A 24 17.21 -7.39 17.35
N SER A 25 16.76 -7.00 16.17
CA SER A 25 17.20 -5.75 15.55
C SER A 25 17.30 -4.58 16.52
N THR A 26 16.47 -4.58 17.56
CA THR A 26 16.52 -3.49 18.53
C THR A 26 17.05 -3.96 19.89
N ASP A 27 17.38 -5.25 19.99
CA ASP A 27 17.88 -5.82 21.24
C ASP A 27 16.91 -5.58 22.40
N VAL A 28 15.62 -5.64 22.09
CA VAL A 28 14.59 -5.47 23.08
C VAL A 28 14.05 -6.85 23.42
N ARG A 29 14.28 -7.27 24.67
CA ARG A 29 13.84 -8.57 25.16
C ARG A 29 13.07 -8.35 26.45
N MET A 30 11.89 -8.94 26.56
CA MET A 30 11.08 -8.77 27.77
C MET A 30 10.26 -9.99 28.12
N THR A 31 10.18 -10.27 29.42
CA THR A 31 9.39 -11.39 29.91
C THR A 31 7.95 -10.88 30.03
N TYR A 32 7.02 -11.77 30.35
CA TYR A 32 5.64 -11.34 30.49
C TYR A 32 5.45 -10.46 31.71
N ALA A 33 6.27 -10.65 32.72
CA ALA A 33 6.16 -9.83 33.92
C ALA A 33 6.54 -8.40 33.59
N GLN A 34 7.59 -8.26 32.78
CA GLN A 34 8.09 -6.95 32.37
C GLN A 34 7.13 -6.27 31.42
N MET A 35 6.60 -7.02 30.45
CA MET A 35 5.68 -6.45 29.49
C MET A 35 4.42 -5.93 30.20
N ASN A 36 3.92 -6.72 31.16
CA ASN A 36 2.73 -6.33 31.91
C ASN A 36 3.06 -5.09 32.74
N ALA A 37 4.30 -4.99 33.20
CA ALA A 37 4.72 -3.86 34.00
C ALA A 37 4.80 -2.59 33.15
N LEU A 38 5.21 -2.77 31.90
CA LEU A 38 5.33 -1.66 30.95
C LEU A 38 3.93 -1.16 30.59
N ALA A 39 2.97 -2.09 30.49
CA ALA A 39 1.60 -1.73 30.15
C ALA A 39 1.02 -0.90 31.27
N ASN A 40 1.37 -1.22 32.51
CA ASN A 40 0.88 -0.46 33.66
C ASN A 40 1.44 0.96 33.61
N ARG A 41 2.70 1.09 33.20
CA ARG A 41 3.30 2.41 33.10
C ARG A 41 2.56 3.14 31.98
N CYS A 42 2.28 2.40 30.90
CA CYS A 42 1.56 2.96 29.77
C CYS A 42 0.17 3.43 30.22
N ALA A 43 -0.47 2.64 31.06
CA ALA A 43 -1.79 3.00 31.56
C ALA A 43 -1.69 4.27 32.37
N ASP A 44 -0.64 4.39 33.17
CA ASP A 44 -0.43 5.58 34.00
C ASP A 44 -0.22 6.81 33.11
N VAL A 45 0.61 6.66 32.07
CA VAL A 45 0.89 7.74 31.13
C VAL A 45 -0.38 8.23 30.46
N LEU A 46 -1.17 7.30 29.93
CA LEU A 46 -2.41 7.65 29.27
C LEU A 46 -3.38 8.37 30.22
N THR A 47 -3.45 7.92 31.47
CA THR A 47 -4.32 8.54 32.44
C THR A 47 -3.92 10.00 32.65
N ALA A 48 -2.62 10.23 32.80
CA ALA A 48 -2.14 11.57 33.01
C ALA A 48 -2.38 12.41 31.76
N LEU A 49 -2.54 11.75 30.61
CA LEU A 49 -2.81 12.45 29.36
C LEU A 49 -4.29 12.72 29.21
N GLY A 50 -5.06 12.35 30.24
CA GLY A 50 -6.49 12.61 30.21
C GLY A 50 -7.34 11.55 29.54
N ILE A 51 -6.77 10.37 29.32
CA ILE A 51 -7.51 9.29 28.69
C ILE A 51 -8.38 8.59 29.72
N ALA A 52 -9.68 8.50 29.43
CA ALA A 52 -10.62 7.85 30.33
C ALA A 52 -11.34 6.75 29.57
N LYS A 53 -11.99 5.84 30.29
CA LYS A 53 -12.72 4.77 29.64
C LYS A 53 -13.56 5.30 28.50
N GLY A 54 -13.42 4.67 27.34
CA GLY A 54 -14.19 5.10 26.18
C GLY A 54 -13.43 5.99 25.22
N ASP A 55 -12.45 6.73 25.74
CA ASP A 55 -11.64 7.65 24.92
C ASP A 55 -10.74 6.95 23.92
N ARG A 56 -10.57 7.54 22.74
CA ARG A 56 -9.70 6.96 21.73
C ARG A 56 -8.27 7.46 21.82
N VAL A 57 -7.32 6.53 21.68
CA VAL A 57 -5.89 6.82 21.69
C VAL A 57 -5.33 6.33 20.36
N ALA A 58 -4.82 7.25 19.55
CA ALA A 58 -4.26 6.89 18.25
C ALA A 58 -2.82 6.41 18.37
N LEU A 59 -2.47 5.36 17.63
CA LEU A 59 -1.11 4.82 17.65
C LEU A 59 -0.57 4.78 16.24
N LEU A 60 0.39 5.67 15.95
CA LEU A 60 1.05 5.79 14.65
C LEU A 60 2.54 5.51 14.91
N MET A 61 2.92 4.24 14.87
CA MET A 61 4.32 3.90 15.17
C MET A 61 4.73 2.54 14.65
N PRO A 62 6.04 2.31 14.48
CA PRO A 62 6.49 1.01 13.98
C PRO A 62 6.18 -0.04 15.05
N ASN A 63 6.18 -1.31 14.64
CA ASN A 63 5.94 -2.38 15.59
C ASN A 63 6.98 -2.19 16.68
N SER A 64 6.57 -2.40 17.92
CA SER A 64 7.48 -2.23 19.03
C SER A 64 6.79 -2.72 20.29
N VAL A 65 7.56 -2.89 21.36
CA VAL A 65 7.00 -3.32 22.61
C VAL A 65 6.09 -2.18 23.12
N GLU A 66 6.47 -0.93 22.83
CA GLU A 66 5.66 0.21 23.26
C GLU A 66 4.27 0.15 22.65
N PHE A 67 4.18 -0.24 21.38
CA PHE A 67 2.89 -0.33 20.73
C PHE A 67 1.97 -1.29 21.47
N CYS A 68 2.45 -2.51 21.65
CA CYS A 68 1.68 -3.54 22.34
C CYS A 68 1.32 -3.11 23.75
N CYS A 69 2.30 -2.58 24.48
CA CYS A 69 2.04 -2.18 25.85
C CYS A 69 1.10 -0.99 25.96
N LEU A 70 1.06 -0.16 24.93
CA LEU A 70 0.17 0.99 24.95
C LEU A 70 -1.28 0.53 24.78
N PHE A 71 -1.55 -0.41 23.86
CA PHE A 71 -2.92 -0.82 23.72
C PHE A 71 -3.32 -1.73 24.89
N TYR A 72 -2.39 -2.55 25.40
CA TYR A 72 -2.70 -3.41 26.54
C TYR A 72 -3.02 -2.49 27.71
N GLY A 73 -2.23 -1.43 27.84
CA GLY A 73 -2.48 -0.47 28.90
C GLY A 73 -3.81 0.20 28.66
N ALA A 74 -4.10 0.53 27.40
CA ALA A 74 -5.37 1.16 27.08
C ALA A 74 -6.49 0.21 27.48
N ALA A 75 -6.28 -1.08 27.20
CA ALA A 75 -7.25 -2.11 27.52
C ALA A 75 -7.57 -2.15 29.01
N LYS A 76 -6.54 -2.02 29.86
CA LYS A 76 -6.76 -2.03 31.30
C LYS A 76 -7.58 -0.82 31.76
N LEU A 77 -7.55 0.24 30.98
CA LEU A 77 -8.26 1.46 31.34
C LEU A 77 -9.66 1.54 30.75
N GLY A 78 -9.94 0.68 29.78
CA GLY A 78 -11.24 0.73 29.13
C GLY A 78 -11.17 1.72 27.98
N ALA A 79 -9.97 2.20 27.70
CA ALA A 79 -9.79 3.16 26.61
C ALA A 79 -9.86 2.42 25.29
N VAL A 80 -9.96 3.16 24.20
CA VAL A 80 -10.06 2.58 22.88
C VAL A 80 -8.86 2.93 22.00
N ALA A 81 -8.13 1.90 21.56
CA ALA A 81 -6.97 2.10 20.72
C ALA A 81 -7.32 2.18 19.24
N VAL A 82 -6.64 3.07 18.55
CA VAL A 82 -6.84 3.29 17.13
C VAL A 82 -5.47 3.18 16.45
N PRO A 83 -5.02 1.97 16.12
CA PRO A 83 -3.73 1.81 15.47
C PRO A 83 -3.83 2.27 14.02
N ILE A 84 -2.88 3.08 13.58
CA ILE A 84 -2.94 3.59 12.23
C ILE A 84 -1.78 3.16 11.35
N ASN A 85 -2.13 2.77 10.12
CA ASN A 85 -1.19 2.32 9.11
C ASN A 85 -0.13 3.42 8.91
N THR A 86 1.14 3.08 9.13
CA THR A 86 2.23 4.04 9.00
C THR A 86 2.63 4.39 7.56
N ARG A 87 2.00 3.75 6.57
CA ARG A 87 2.33 4.05 5.18
C ARG A 87 1.39 5.14 4.68
N LEU A 88 0.41 5.49 5.52
CA LEU A 88 -0.57 6.51 5.19
C LEU A 88 -0.01 7.93 5.18
N ALA A 89 -0.58 8.76 4.32
CA ALA A 89 -0.16 10.15 4.20
C ALA A 89 -0.92 11.02 5.20
N ALA A 90 -0.43 12.24 5.40
CA ALA A 90 -1.04 13.16 6.35
C ALA A 90 -2.57 13.27 6.24
N PRO A 91 -3.08 13.68 5.07
CA PRO A 91 -4.54 13.80 4.91
C PRO A 91 -5.38 12.57 5.28
N GLU A 92 -4.84 11.38 5.09
CA GLU A 92 -5.57 10.15 5.41
C GLU A 92 -5.50 9.90 6.91
N VAL A 93 -4.33 10.12 7.49
CA VAL A 93 -4.15 9.94 8.93
C VAL A 93 -5.05 10.95 9.64
N SER A 94 -5.11 12.14 9.07
CA SER A 94 -5.91 13.23 9.61
C SER A 94 -7.39 12.84 9.58
N PHE A 95 -7.79 12.19 8.50
CA PHE A 95 -9.16 11.75 8.33
C PHE A 95 -9.52 10.78 9.45
N ILE A 96 -8.67 9.79 9.66
CA ILE A 96 -8.87 8.78 10.71
C ILE A 96 -8.96 9.43 12.10
N LEU A 97 -8.11 10.43 12.34
CA LEU A 97 -8.09 11.12 13.62
C LEU A 97 -9.40 11.85 13.90
N SER A 98 -9.87 12.62 12.94
CA SER A 98 -11.12 13.34 13.17
C SER A 98 -12.33 12.40 13.15
N ASP A 99 -12.34 11.45 12.23
CA ASP A 99 -13.47 10.52 12.17
C ASP A 99 -13.62 9.75 13.49
N SER A 100 -12.49 9.35 14.06
CA SER A 100 -12.51 8.59 15.31
C SER A 100 -12.61 9.49 16.56
N GLY A 101 -12.39 10.79 16.38
CA GLY A 101 -12.46 11.69 17.52
C GLY A 101 -11.39 11.37 18.56
N SER A 102 -10.22 10.95 18.09
CA SER A 102 -9.10 10.61 18.98
C SER A 102 -8.67 11.85 19.75
N LYS A 103 -8.41 11.70 21.04
CA LYS A 103 -7.97 12.87 21.79
C LYS A 103 -6.47 12.88 22.04
N VAL A 104 -5.84 11.72 21.99
CA VAL A 104 -4.40 11.62 22.18
C VAL A 104 -3.77 10.81 21.06
N VAL A 105 -2.64 11.29 20.54
CA VAL A 105 -1.92 10.61 19.47
C VAL A 105 -0.48 10.31 19.90
N ILE A 106 -0.12 9.02 19.93
CA ILE A 106 1.23 8.61 20.28
C ILE A 106 1.85 8.22 18.95
N TYR A 107 3.00 8.81 18.61
CA TYR A 107 3.63 8.51 17.32
C TYR A 107 5.13 8.29 17.42
N GLY A 108 5.65 7.50 16.49
CA GLY A 108 7.07 7.22 16.47
C GLY A 108 7.83 8.23 15.64
N ALA A 109 9.15 8.26 15.82
CA ALA A 109 10.01 9.19 15.10
C ALA A 109 9.84 9.09 13.59
N PRO A 110 9.66 7.87 13.06
CA PRO A 110 9.48 7.77 11.61
C PRO A 110 8.23 8.49 11.11
N SER A 111 7.26 8.70 12.00
CA SER A 111 6.01 9.37 11.61
C SER A 111 5.98 10.86 11.93
N ALA A 112 7.05 11.36 12.55
CA ALA A 112 7.11 12.78 12.90
C ALA A 112 6.73 13.71 11.75
N PRO A 113 7.35 13.53 10.57
CA PRO A 113 7.00 14.41 9.45
C PRO A 113 5.50 14.40 9.11
N VAL A 114 4.85 13.27 9.35
CA VAL A 114 3.43 13.18 9.06
C VAL A 114 2.61 13.94 10.10
N ILE A 115 3.02 13.85 11.35
CA ILE A 115 2.33 14.56 12.42
C ILE A 115 2.56 16.06 12.28
N ASP A 116 3.74 16.46 11.84
CA ASP A 116 4.05 17.88 11.66
C ASP A 116 3.16 18.50 10.58
N ALA A 117 3.01 17.77 9.48
CA ALA A 117 2.18 18.26 8.37
C ALA A 117 0.75 18.48 8.82
N ILE A 118 0.21 17.54 9.59
CA ILE A 118 -1.16 17.67 10.07
C ILE A 118 -1.33 18.87 10.98
N ARG A 119 -0.35 19.10 11.84
CA ARG A 119 -0.38 20.20 12.79
C ARG A 119 -0.20 21.57 12.15
N ALA A 120 0.31 21.58 10.92
CA ALA A 120 0.54 22.82 10.22
C ALA A 120 -0.59 23.12 9.23
N GLN A 121 -1.45 22.12 9.01
CA GLN A 121 -2.55 22.29 8.07
C GLN A 121 -3.63 23.17 8.65
N ALA A 122 -4.51 23.66 7.78
CA ALA A 122 -5.62 24.47 8.23
C ALA A 122 -6.62 23.40 8.65
N ASP A 123 -7.31 23.64 9.76
CA ASP A 123 -8.29 22.67 10.26
C ASP A 123 -7.71 21.31 10.66
N PRO A 124 -6.81 21.29 11.65
CA PRO A 124 -6.25 20.01 12.07
C PRO A 124 -7.26 19.33 13.00
N PRO A 125 -7.22 17.99 13.11
CA PRO A 125 -8.16 17.28 13.99
C PRO A 125 -8.36 17.99 15.34
N GLY A 126 -9.52 18.63 15.50
CA GLY A 126 -9.81 19.38 16.71
C GLY A 126 -9.83 18.63 18.02
N THR A 127 -10.22 17.36 17.98
CA THR A 127 -10.30 16.57 19.21
C THR A 127 -8.97 16.16 19.82
N VAL A 128 -7.87 16.29 19.07
CA VAL A 128 -6.56 15.92 19.60
C VAL A 128 -6.03 16.98 20.56
N THR A 129 -5.73 16.59 21.80
CA THR A 129 -5.22 17.54 22.77
C THR A 129 -3.74 17.39 23.00
N ASP A 130 -3.21 16.21 22.70
CA ASP A 130 -1.80 15.92 22.90
C ASP A 130 -1.21 15.11 21.76
N TRP A 131 -0.03 15.51 21.30
CA TRP A 131 0.68 14.80 20.26
C TRP A 131 1.97 14.36 20.93
N ILE A 132 2.06 13.06 21.26
CA ILE A 132 3.22 12.56 21.97
C ILE A 132 4.16 11.72 21.12
N GLY A 133 5.35 12.28 20.89
CA GLY A 133 6.37 11.62 20.10
C GLY A 133 7.14 10.61 20.94
N ALA A 134 8.13 9.98 20.32
CA ALA A 134 8.94 8.98 20.99
C ALA A 134 9.65 9.54 22.22
N ASP A 135 10.28 10.71 22.08
CA ASP A 135 11.01 11.29 23.20
C ASP A 135 10.11 11.53 24.41
N SER A 136 8.96 12.15 24.17
CA SER A 136 8.02 12.44 25.23
C SER A 136 7.47 11.17 25.89
N LEU A 137 7.26 10.12 25.10
CA LEU A 137 6.75 8.86 25.64
C LEU A 137 7.79 8.27 26.57
N ALA A 138 9.05 8.36 26.17
CA ALA A 138 10.15 7.84 26.98
C ALA A 138 10.21 8.63 28.28
N GLU A 139 10.16 9.96 28.17
CA GLU A 139 10.18 10.80 29.36
C GLU A 139 9.04 10.41 30.30
N ARG A 140 7.81 10.40 29.77
CA ARG A 140 6.64 10.07 30.57
C ARG A 140 6.70 8.70 31.23
N LEU A 141 7.01 7.67 30.45
CA LEU A 141 7.09 6.32 31.00
C LEU A 141 8.10 6.18 32.13
N ARG A 142 9.18 6.96 32.07
CA ARG A 142 10.22 6.88 33.10
C ARG A 142 9.74 7.27 34.50
N SER A 143 8.86 8.26 34.58
CA SER A 143 8.36 8.68 35.88
C SER A 143 7.00 8.05 36.18
N ALA A 144 6.58 7.15 35.29
CA ALA A 144 5.29 6.48 35.43
C ALA A 144 5.24 5.46 36.54
N ALA A 145 4.08 5.33 37.17
CA ALA A 145 3.87 4.36 38.23
C ALA A 145 3.55 3.02 37.54
N ALA A 146 3.98 1.91 38.14
CA ALA A 146 3.73 0.59 37.55
C ALA A 146 2.60 -0.17 38.24
N ASP A 147 1.77 0.55 38.98
CA ASP A 147 0.64 -0.06 39.68
C ASP A 147 -0.38 -0.61 38.70
N GLU A 148 -1.10 -1.63 39.12
CA GLU A 148 -2.13 -2.26 38.30
C GLU A 148 -3.37 -1.37 38.36
N PRO A 149 -3.91 -0.95 37.21
CA PRO A 149 -5.10 -0.10 37.23
C PRO A 149 -6.28 -0.83 37.88
N ALA A 150 -7.24 -0.06 38.38
CA ALA A 150 -8.41 -0.67 39.03
C ALA A 150 -9.67 -0.09 38.40
N VAL A 151 -10.01 -0.60 37.23
CA VAL A 151 -11.20 -0.13 36.51
C VAL A 151 -12.01 -1.32 36.05
N GLU A 152 -13.27 -1.37 36.46
CA GLU A 152 -14.16 -2.45 36.03
C GLU A 152 -14.59 -2.13 34.62
N CYS A 153 -14.06 -2.87 33.65
CA CYS A 153 -14.42 -2.66 32.27
C CYS A 153 -14.02 -3.90 31.50
N GLY A 154 -14.53 -4.01 30.28
CA GLY A 154 -14.26 -5.16 29.45
C GLY A 154 -15.57 -5.58 28.82
N GLY A 155 -15.73 -6.86 28.52
CA GLY A 155 -16.96 -7.31 27.91
C GLY A 155 -17.23 -6.63 26.58
N ASP A 156 -18.39 -5.98 26.46
CA ASP A 156 -18.77 -5.30 25.22
C ASP A 156 -18.20 -3.89 25.09
N ASP A 157 -17.38 -3.44 26.03
CA ASP A 157 -16.80 -2.11 25.91
C ASP A 157 -15.85 -2.07 24.72
N ASN A 158 -15.87 -0.96 23.98
CA ASN A 158 -15.00 -0.80 22.83
C ASN A 158 -13.54 -1.00 23.27
N LEU A 159 -12.71 -1.56 22.38
CA LEU A 159 -11.29 -1.77 22.67
C LEU A 159 -10.43 -1.24 21.52
N PHE A 160 -10.88 -1.46 20.30
CA PHE A 160 -10.13 -1.00 19.12
C PHE A 160 -11.07 -0.51 18.03
N ILE A 161 -10.53 0.39 17.21
CA ILE A 161 -11.22 0.87 16.04
C ILE A 161 -10.17 0.65 14.96
N MET A 162 -10.45 -0.26 14.03
CA MET A 162 -9.52 -0.56 12.95
C MET A 162 -10.17 -0.08 11.66
N TYR A 163 -9.55 0.88 11.00
CA TYR A 163 -10.14 1.37 9.76
C TYR A 163 -9.88 0.44 8.58
N THR A 164 -10.96 0.11 7.87
CA THR A 164 -10.90 -0.77 6.72
C THR A 164 -9.84 -0.37 5.73
N SER A 165 -8.99 -1.35 5.38
CA SER A 165 -7.89 -1.19 4.45
C SER A 165 -7.99 0.07 3.57
N GLY A 166 -6.95 0.90 3.66
CA GLY A 166 -6.90 2.14 2.88
C GLY A 166 -8.23 2.58 2.30
N THR A 167 -8.42 2.35 1.00
CA THR A 167 -9.66 2.75 0.37
C THR A 167 -10.22 1.80 -0.68
N THR A 168 -11.53 1.86 -0.82
CA THR A 168 -12.30 1.09 -1.78
C THR A 168 -13.51 1.97 -2.02
N GLY A 169 -13.48 3.13 -1.37
CA GLY A 169 -14.56 4.10 -1.49
C GLY A 169 -15.12 4.47 -0.13
N HIS A 170 -15.37 3.47 0.70
CA HIS A 170 -15.95 3.69 2.03
C HIS A 170 -15.02 3.31 3.19
N PRO A 171 -14.08 4.21 3.54
CA PRO A 171 -13.17 3.89 4.66
C PRO A 171 -13.94 4.02 5.99
N LYS A 172 -14.14 2.90 6.68
CA LYS A 172 -14.89 2.93 7.93
C LYS A 172 -14.10 2.41 9.12
N GLY A 173 -14.48 2.86 10.31
CA GLY A 173 -13.80 2.39 11.50
C GLY A 173 -14.48 1.12 11.96
N VAL A 174 -13.73 0.04 12.11
CA VAL A 174 -14.30 -1.21 12.56
C VAL A 174 -14.10 -1.26 14.06
N VAL A 175 -15.18 -1.30 14.83
CA VAL A 175 -15.00 -1.33 16.27
C VAL A 175 -15.14 -2.71 16.87
N HIS A 176 -14.13 -3.11 17.62
CA HIS A 176 -14.11 -4.40 18.27
C HIS A 176 -14.07 -4.15 19.78
N THR A 177 -14.64 -5.10 20.51
CA THR A 177 -14.71 -5.03 21.96
C THR A 177 -13.73 -6.03 22.54
N HIS A 178 -13.67 -6.09 23.87
CA HIS A 178 -12.78 -7.05 24.51
C HIS A 178 -13.30 -8.45 24.20
N GLU A 179 -14.62 -8.61 24.20
CA GLU A 179 -15.20 -9.92 23.93
C GLU A 179 -14.96 -10.40 22.49
N SER A 180 -15.13 -9.53 21.50
CA SER A 180 -14.93 -9.96 20.12
C SER A 180 -13.44 -10.28 19.87
N VAL A 181 -12.55 -9.50 20.48
CA VAL A 181 -11.11 -9.76 20.33
C VAL A 181 -10.75 -11.04 21.07
N HIS A 182 -11.25 -11.16 22.30
CA HIS A 182 -10.99 -12.35 23.10
C HIS A 182 -11.44 -13.59 22.31
N SER A 183 -12.66 -13.55 21.78
CA SER A 183 -13.19 -14.67 21.03
C SER A 183 -12.32 -15.00 19.81
N ALA A 184 -11.86 -13.98 19.10
CA ALA A 184 -11.03 -14.20 17.93
C ALA A 184 -9.69 -14.89 18.29
N ALA A 185 -8.96 -14.29 19.22
CA ALA A 185 -7.68 -14.84 19.66
C ALA A 185 -7.90 -16.24 20.22
N SER A 186 -9.09 -16.44 20.78
CA SER A 186 -9.46 -17.71 21.37
C SER A 186 -9.68 -18.72 20.22
N SER A 187 -10.34 -18.24 19.18
CA SER A 187 -10.59 -19.06 18.00
C SER A 187 -9.28 -19.56 17.38
N TRP A 188 -8.34 -18.64 17.23
CA TRP A 188 -7.03 -18.94 16.65
C TRP A 188 -6.24 -19.93 17.52
N ALA A 189 -6.17 -19.65 18.82
CA ALA A 189 -5.44 -20.52 19.75
C ALA A 189 -6.07 -21.91 19.83
N SER A 190 -7.35 -22.00 19.52
CA SER A 190 -8.02 -23.29 19.58
C SER A 190 -8.02 -23.98 18.22
N THR A 191 -7.72 -23.24 17.16
CA THR A 191 -7.74 -23.86 15.84
C THR A 191 -6.36 -24.25 15.31
N ILE A 192 -5.43 -23.31 15.25
CA ILE A 192 -4.12 -23.65 14.74
C ILE A 192 -3.29 -24.34 15.83
N ASP A 193 -2.31 -25.12 15.38
CA ASP A 193 -1.44 -25.86 16.26
C ASP A 193 -0.42 -24.97 16.97
N VAL A 194 -0.87 -24.27 18.01
CA VAL A 194 -0.01 -23.40 18.80
C VAL A 194 0.24 -24.08 20.12
N ARG A 195 1.44 -23.91 20.67
CA ARG A 195 1.79 -24.54 21.93
C ARG A 195 2.40 -23.59 22.94
N TYR A 196 2.18 -23.89 24.21
CA TYR A 196 2.74 -23.08 25.26
C TYR A 196 4.24 -22.99 24.98
N ARG A 197 4.81 -21.82 25.24
CA ARG A 197 6.24 -21.54 25.04
C ARG A 197 6.68 -21.54 23.58
N ASP A 198 5.77 -21.74 22.64
CA ASP A 198 6.15 -21.70 21.23
C ASP A 198 6.74 -20.30 20.94
N ARG A 199 7.57 -20.21 19.90
CA ARG A 199 8.13 -18.91 19.53
C ARG A 199 7.52 -18.61 18.17
N LEU A 200 6.84 -17.48 18.06
CA LEU A 200 6.17 -17.12 16.80
C LEU A 200 6.72 -15.85 16.14
N LEU A 201 7.02 -15.94 14.85
CA LEU A 201 7.57 -14.83 14.09
C LEU A 201 6.48 -13.94 13.49
N LEU A 202 6.47 -12.67 13.91
CA LEU A 202 5.50 -11.70 13.40
C LEU A 202 6.19 -10.63 12.55
N PRO A 203 6.04 -10.73 11.21
CA PRO A 203 6.66 -9.78 10.29
C PRO A 203 5.64 -8.76 9.75
N LEU A 204 4.39 -8.88 10.17
CA LEU A 204 3.32 -7.99 9.73
C LEU A 204 3.16 -6.74 10.59
N PRO A 205 2.83 -5.59 9.96
CA PRO A 205 2.65 -4.34 10.70
C PRO A 205 1.54 -4.54 11.73
N MET A 206 1.80 -4.12 12.97
CA MET A 206 0.84 -4.31 14.05
C MET A 206 -0.48 -3.54 13.98
N PHE A 207 -0.68 -2.76 12.93
CA PHE A 207 -1.93 -2.04 12.80
C PHE A 207 -2.89 -2.97 12.08
N HIS A 208 -2.35 -4.03 11.48
CA HIS A 208 -3.20 -4.97 10.76
C HIS A 208 -3.93 -5.90 11.75
N VAL A 209 -5.22 -6.04 11.53
CA VAL A 209 -6.08 -6.86 12.38
C VAL A 209 -5.50 -8.24 12.69
N ALA A 210 -4.99 -8.93 11.68
CA ALA A 210 -4.42 -10.25 11.88
C ALA A 210 -3.22 -10.17 12.82
N ALA A 211 -2.39 -9.15 12.65
CA ALA A 211 -1.22 -8.99 13.49
C ALA A 211 -1.64 -8.65 14.92
N LEU A 212 -2.66 -7.80 15.04
CA LEU A 212 -3.13 -7.41 16.37
C LEU A 212 -3.64 -8.66 17.09
N THR A 213 -4.43 -9.46 16.39
CA THR A 213 -4.96 -10.67 16.98
C THR A 213 -3.81 -11.62 17.31
N THR A 214 -2.70 -11.50 16.60
CA THR A 214 -1.57 -12.39 16.84
C THR A 214 -0.86 -12.10 18.17
N VAL A 215 -0.62 -10.83 18.48
CA VAL A 215 0.06 -10.52 19.74
C VAL A 215 -0.84 -10.87 20.92
N ILE A 216 -2.14 -10.69 20.74
CA ILE A 216 -3.10 -10.97 21.81
C ILE A 216 -3.23 -12.48 22.01
N PHE A 217 -3.42 -13.21 20.93
CA PHE A 217 -3.56 -14.65 21.02
C PHE A 217 -2.26 -15.28 21.55
N SER A 218 -1.12 -14.62 21.31
CA SER A 218 0.17 -15.12 21.80
C SER A 218 0.24 -15.01 23.33
N ALA A 219 -0.31 -13.93 23.87
CA ALA A 219 -0.32 -13.72 25.32
C ALA A 219 -1.28 -14.72 25.95
N MET A 220 -2.36 -15.02 25.24
CA MET A 220 -3.36 -15.95 25.75
C MET A 220 -2.83 -17.39 25.85
N ARG A 221 -2.02 -17.79 24.88
CA ARG A 221 -1.47 -19.13 24.87
C ARG A 221 -0.15 -19.17 25.59
N GLY A 222 0.45 -18.00 25.76
CA GLY A 222 1.73 -17.94 26.43
C GLY A 222 2.83 -18.25 25.43
N VAL A 223 2.79 -17.55 24.30
CA VAL A 223 3.77 -17.70 23.25
C VAL A 223 4.77 -16.55 23.31
N THR A 224 6.00 -16.82 22.88
CA THR A 224 7.05 -15.80 22.84
C THR A 224 6.97 -15.14 21.46
N LEU A 225 6.57 -13.88 21.41
CA LEU A 225 6.47 -13.19 20.14
C LEU A 225 7.87 -12.79 19.64
N ILE A 226 8.21 -13.22 18.43
CA ILE A 226 9.49 -12.86 17.83
C ILE A 226 9.15 -11.76 16.82
N SER A 227 9.61 -10.55 17.10
CA SER A 227 9.33 -9.41 16.25
C SER A 227 10.35 -9.01 15.20
N MET A 228 9.88 -8.83 13.98
CA MET A 228 10.71 -8.36 12.89
C MET A 228 9.98 -7.10 12.43
N PRO A 229 10.27 -5.96 13.09
CA PRO A 229 9.67 -4.64 12.81
C PRO A 229 9.40 -4.38 11.34
N GLN A 230 10.46 -4.28 10.54
CA GLN A 230 10.30 -4.06 9.11
C GLN A 230 10.82 -5.31 8.42
N PHE A 231 9.93 -6.02 7.74
CA PHE A 231 10.31 -7.25 7.06
C PHE A 231 11.53 -7.06 6.15
N ASP A 232 12.50 -7.94 6.32
CA ASP A 232 13.71 -7.91 5.52
C ASP A 232 14.05 -9.35 5.15
N ALA A 233 13.92 -9.68 3.86
CA ALA A 233 14.18 -11.02 3.37
C ALA A 233 15.64 -11.47 3.46
N THR A 234 16.55 -10.52 3.64
CA THR A 234 17.97 -10.86 3.73
C THR A 234 18.35 -11.30 5.16
N LYS A 235 17.40 -11.20 6.08
CA LYS A 235 17.66 -11.56 7.47
C LYS A 235 16.62 -12.52 8.07
N VAL A 236 15.46 -12.62 7.42
CA VAL A 236 14.37 -13.46 7.91
C VAL A 236 14.70 -14.92 8.26
N TRP A 237 15.50 -15.59 7.44
CA TRP A 237 15.84 -16.97 7.74
C TRP A 237 16.76 -17.14 8.95
N SER A 238 17.80 -16.31 9.05
CA SER A 238 18.72 -16.42 10.17
C SER A 238 18.00 -16.12 11.48
N LEU A 239 16.97 -15.28 11.40
CA LEU A 239 16.18 -14.93 12.57
C LEU A 239 15.38 -16.17 12.97
N ILE A 240 14.81 -16.85 11.97
CA ILE A 240 14.03 -18.05 12.20
C ILE A 240 14.86 -19.14 12.88
N VAL A 241 16.12 -19.27 12.50
CA VAL A 241 16.96 -20.28 13.09
C VAL A 241 17.61 -19.85 14.40
N GLU A 242 18.16 -18.63 14.44
CA GLU A 242 18.80 -18.14 15.65
C GLU A 242 17.83 -17.97 16.81
N GLU A 243 16.59 -17.60 16.49
CA GLU A 243 15.59 -17.42 17.54
C GLU A 243 14.70 -18.65 17.72
N ARG A 244 15.06 -19.72 17.06
CA ARG A 244 14.31 -20.98 17.16
C ARG A 244 12.80 -20.77 17.02
N VAL A 245 12.39 -20.16 15.91
CA VAL A 245 10.99 -19.92 15.64
C VAL A 245 10.29 -21.23 15.35
N CYS A 246 9.06 -21.34 15.82
CA CYS A 246 8.26 -22.54 15.58
C CYS A 246 7.17 -22.22 14.57
N ILE A 247 6.67 -21.00 14.62
CA ILE A 247 5.58 -20.59 13.74
C ILE A 247 5.82 -19.23 13.11
N GLY A 248 5.42 -19.07 11.86
CA GLY A 248 5.61 -17.80 11.20
C GLY A 248 4.42 -17.35 10.38
N GLY A 249 4.06 -16.08 10.53
CA GLY A 249 2.96 -15.52 9.76
C GLY A 249 3.53 -14.84 8.52
N ALA A 250 2.81 -14.92 7.42
CA ALA A 250 3.26 -14.30 6.19
C ALA A 250 2.19 -14.33 5.11
N VAL A 251 2.48 -13.70 3.98
CA VAL A 251 1.56 -13.65 2.85
C VAL A 251 2.24 -14.45 1.74
N PRO A 252 1.46 -15.06 0.84
CA PRO A 252 2.05 -15.85 -0.26
C PRO A 252 3.25 -15.21 -0.95
N ALA A 253 3.17 -13.90 -1.19
CA ALA A 253 4.26 -13.19 -1.85
C ALA A 253 5.56 -13.38 -1.06
N ILE A 254 5.53 -13.01 0.21
CA ILE A 254 6.70 -13.13 1.08
C ILE A 254 7.33 -14.51 1.00
N LEU A 255 6.51 -15.55 1.13
CA LEU A 255 7.03 -16.91 1.09
C LEU A 255 7.64 -17.27 -0.26
N ASN A 256 7.05 -16.77 -1.35
CA ASN A 256 7.57 -17.07 -2.67
C ASN A 256 8.89 -16.34 -2.86
N PHE A 257 9.01 -15.17 -2.25
CA PHE A 257 10.21 -14.35 -2.34
C PHE A 257 11.27 -14.85 -1.36
N MET A 258 10.82 -15.61 -0.35
CA MET A 258 11.71 -16.15 0.67
C MET A 258 12.39 -17.45 0.25
N ARG A 259 11.71 -18.27 -0.54
CA ARG A 259 12.30 -19.53 -0.99
C ARG A 259 13.24 -19.25 -2.17
N GLN A 260 13.57 -17.98 -2.36
CA GLN A 260 14.46 -17.57 -3.44
C GLN A 260 15.84 -17.20 -2.90
N VAL A 261 15.87 -16.49 -1.78
CA VAL A 261 17.15 -16.08 -1.19
C VAL A 261 18.08 -17.29 -1.04
N PRO A 262 19.39 -17.04 -0.96
CA PRO A 262 20.36 -18.13 -0.82
C PRO A 262 20.20 -18.98 0.44
N GLU A 263 19.96 -18.32 1.56
CA GLU A 263 19.81 -19.03 2.84
C GLU A 263 18.83 -20.20 2.75
N PHE A 264 17.82 -20.08 1.88
CA PHE A 264 16.81 -21.12 1.74
C PHE A 264 17.37 -22.47 1.29
N ALA A 265 18.12 -22.44 0.20
CA ALA A 265 18.74 -23.63 -0.39
C ALA A 265 18.97 -24.75 0.62
N GLU A 266 19.76 -24.47 1.66
CA GLU A 266 20.03 -25.47 2.67
C GLU A 266 19.65 -24.97 4.07
N LEU A 267 18.35 -24.77 4.26
CA LEU A 267 17.81 -24.29 5.52
C LEU A 267 17.71 -25.45 6.50
N ASP A 268 18.11 -25.21 7.74
CA ASP A 268 18.06 -26.25 8.77
C ASP A 268 17.54 -25.67 10.07
N ALA A 269 16.22 -25.53 10.17
CA ALA A 269 15.57 -25.00 11.37
C ALA A 269 14.63 -26.07 11.94
N PRO A 270 15.17 -26.96 12.78
CA PRO A 270 14.44 -28.07 13.42
C PRO A 270 13.15 -27.66 14.09
N ASP A 271 13.19 -26.53 14.78
CA ASP A 271 12.04 -26.03 15.52
C ASP A 271 10.90 -25.47 14.69
N PHE A 272 11.20 -24.97 13.50
CA PHE A 272 10.17 -24.39 12.65
C PHE A 272 9.23 -25.45 12.08
N ARG A 273 7.94 -25.27 12.32
CA ARG A 273 6.91 -26.21 11.86
C ARG A 273 6.05 -25.72 10.69
N TYR A 274 5.55 -24.49 10.75
CA TYR A 274 4.71 -24.00 9.65
C TYR A 274 4.50 -22.49 9.58
N PHE A 275 3.95 -22.07 8.44
CA PHE A 275 3.64 -20.66 8.18
C PHE A 275 2.12 -20.54 8.12
N ILE A 276 1.61 -19.37 8.51
CA ILE A 276 0.18 -19.10 8.44
C ILE A 276 0.09 -17.99 7.40
N THR A 277 -0.85 -18.13 6.47
CA THR A 277 -1.00 -17.14 5.42
C THR A 277 -2.46 -16.88 5.09
N GLY A 278 -2.70 -15.82 4.31
CA GLY A 278 -4.04 -15.46 3.92
C GLY A 278 -4.07 -14.24 3.03
N GLY A 279 -5.23 -13.92 2.48
CA GLY A 279 -5.36 -12.78 1.60
C GLY A 279 -5.24 -13.16 0.15
N ALA A 280 -4.86 -14.41 -0.10
CA ALA A 280 -4.72 -14.93 -1.46
C ALA A 280 -4.37 -16.41 -1.41
N PRO A 281 -4.91 -17.20 -2.36
CA PRO A 281 -4.63 -18.63 -2.37
C PRO A 281 -3.14 -18.95 -2.51
N MET A 282 -2.77 -20.18 -2.18
CA MET A 282 -1.38 -20.60 -2.26
C MET A 282 -1.17 -21.54 -3.44
N PRO A 283 -0.32 -21.15 -4.41
CA PRO A 283 0.00 -21.94 -5.60
C PRO A 283 0.56 -23.31 -5.28
N GLU A 284 -0.14 -24.35 -5.70
CA GLU A 284 0.28 -25.73 -5.45
C GLU A 284 1.80 -25.90 -5.52
N ALA A 285 2.42 -25.16 -6.43
CA ALA A 285 3.87 -25.20 -6.61
C ALA A 285 4.59 -24.62 -5.39
N LEU A 286 4.21 -23.41 -5.01
CA LEU A 286 4.81 -22.74 -3.87
C LEU A 286 4.70 -23.60 -2.63
N ILE A 287 3.61 -24.37 -2.56
CA ILE A 287 3.39 -25.24 -1.42
C ILE A 287 4.41 -26.37 -1.44
N LYS A 288 4.38 -27.15 -2.53
CA LYS A 288 5.32 -28.26 -2.66
C LYS A 288 6.76 -27.85 -2.37
N ILE A 289 7.16 -26.67 -2.86
CA ILE A 289 8.52 -26.18 -2.60
C ILE A 289 8.80 -26.20 -1.10
N TYR A 290 7.86 -25.66 -0.32
CA TYR A 290 8.02 -25.64 1.13
C TYR A 290 7.81 -27.01 1.75
N ALA A 291 6.91 -27.80 1.20
CA ALA A 291 6.67 -29.14 1.73
C ALA A 291 7.99 -29.90 1.65
N ALA A 292 8.80 -29.54 0.65
CA ALA A 292 10.10 -30.16 0.43
C ALA A 292 10.94 -30.08 1.70
N LYS A 293 11.11 -28.87 2.22
CA LYS A 293 11.89 -28.66 3.43
C LYS A 293 11.11 -29.08 4.68
N ASN A 294 10.05 -29.85 4.46
CA ASN A 294 9.20 -30.34 5.55
C ASN A 294 8.53 -29.16 6.28
N ILE A 295 8.24 -28.10 5.54
CA ILE A 295 7.59 -26.93 6.11
C ILE A 295 6.11 -26.89 5.69
N GLU A 296 5.22 -26.90 6.67
CA GLU A 296 3.79 -26.86 6.40
C GLU A 296 3.24 -25.44 6.28
N VAL A 297 2.08 -25.33 5.62
CA VAL A 297 1.45 -24.04 5.42
C VAL A 297 -0.07 -24.07 5.63
N VAL A 298 -0.55 -23.24 6.55
CA VAL A 298 -1.99 -23.12 6.80
C VAL A 298 -2.43 -21.78 6.20
N GLN A 299 -3.55 -21.78 5.49
CA GLN A 299 -4.08 -20.58 4.85
C GLN A 299 -5.45 -20.19 5.40
N GLY A 300 -5.65 -18.91 5.66
CA GLY A 300 -6.94 -18.48 6.20
C GLY A 300 -7.63 -17.41 5.40
N TYR A 301 -8.91 -17.19 5.71
CA TYR A 301 -9.72 -16.17 5.07
C TYR A 301 -10.41 -15.42 6.18
N ALA A 302 -10.27 -14.09 6.17
CA ALA A 302 -10.85 -13.25 7.20
C ALA A 302 -10.95 -11.81 6.74
N LEU A 303 -11.62 -11.00 7.56
CA LEU A 303 -11.80 -9.59 7.28
C LEU A 303 -11.51 -8.83 8.56
N THR A 304 -11.44 -7.52 8.44
CA THR A 304 -11.20 -6.67 9.60
C THR A 304 -12.41 -6.81 10.51
N GLU A 305 -13.58 -6.87 9.89
CA GLU A 305 -14.84 -7.01 10.58
C GLU A 305 -14.94 -8.30 11.41
N SER A 306 -14.18 -9.33 11.04
CA SER A 306 -14.20 -10.59 11.77
C SER A 306 -12.99 -10.71 12.68
N CYS A 307 -12.33 -9.59 12.89
CA CYS A 307 -11.16 -9.51 13.77
C CYS A 307 -10.03 -10.47 13.37
N GLY A 308 -9.90 -10.72 12.07
CA GLY A 308 -8.85 -11.62 11.60
C GLY A 308 -9.25 -13.10 11.65
N GLY A 309 -10.47 -13.40 12.09
CA GLY A 309 -10.91 -14.78 12.14
C GLY A 309 -11.84 -15.16 10.99
N GLY A 310 -12.11 -16.44 10.83
CA GLY A 310 -12.98 -16.89 9.75
C GLY A 310 -12.79 -18.34 9.39
N THR A 311 -12.27 -18.60 8.19
CA THR A 311 -12.02 -19.96 7.74
C THR A 311 -10.54 -20.27 7.66
N LEU A 312 -10.20 -21.54 7.55
CA LEU A 312 -8.80 -21.95 7.50
C LEU A 312 -8.65 -23.24 6.73
N LEU A 313 -7.54 -23.38 6.02
CA LEU A 313 -7.27 -24.57 5.22
C LEU A 313 -6.01 -25.24 5.77
N LEU A 314 -6.19 -26.40 6.40
CA LEU A 314 -5.07 -27.15 6.95
C LEU A 314 -4.14 -27.64 5.84
N SER A 315 -2.86 -27.79 6.14
CA SER A 315 -1.90 -28.26 5.15
C SER A 315 -2.42 -29.48 4.40
N GLU A 316 -2.80 -30.50 5.15
CA GLU A 316 -3.31 -31.75 4.60
C GLU A 316 -4.29 -31.58 3.41
N ASP A 317 -4.98 -30.44 3.33
CA ASP A 317 -5.93 -30.25 2.25
C ASP A 317 -5.47 -29.19 1.24
N ALA A 318 -4.24 -28.73 1.40
CA ALA A 318 -3.69 -27.70 0.51
C ALA A 318 -3.80 -28.08 -0.96
N LEU A 319 -3.41 -29.30 -1.31
CA LEU A 319 -3.47 -29.74 -2.70
C LEU A 319 -4.81 -30.36 -3.03
N ARG A 320 -5.32 -31.18 -2.12
CA ARG A 320 -6.60 -31.83 -2.33
C ARG A 320 -7.68 -30.78 -2.61
N LYS A 321 -7.63 -29.66 -1.89
CA LYS A 321 -8.59 -28.57 -2.08
C LYS A 321 -7.90 -27.28 -2.50
N ALA A 322 -6.78 -27.38 -3.20
CA ALA A 322 -6.03 -26.21 -3.65
C ALA A 322 -6.99 -25.19 -4.27
N GLY A 323 -6.85 -23.93 -3.87
CA GLY A 323 -7.71 -22.89 -4.41
C GLY A 323 -8.89 -22.64 -3.48
N SER A 324 -8.92 -23.38 -2.37
CA SER A 324 -9.98 -23.26 -1.39
C SER A 324 -9.54 -22.41 -0.20
N ALA A 325 -10.50 -21.83 0.49
CA ALA A 325 -10.21 -21.00 1.65
C ALA A 325 -10.36 -21.80 2.95
N GLY A 326 -10.63 -23.09 2.82
CA GLY A 326 -10.76 -23.94 4.00
C GLY A 326 -12.16 -23.99 4.58
N ARG A 327 -12.26 -24.38 5.85
CA ARG A 327 -13.56 -24.46 6.52
C ARG A 327 -13.60 -23.54 7.73
N ALA A 328 -14.80 -23.36 8.29
CA ALA A 328 -14.96 -22.49 9.46
C ALA A 328 -14.08 -22.96 10.58
N THR A 329 -13.54 -22.01 11.33
CA THR A 329 -12.67 -22.31 12.45
C THR A 329 -13.49 -22.43 13.74
N MET A 330 -12.83 -22.76 14.84
CA MET A 330 -13.53 -22.88 16.11
C MET A 330 -14.27 -21.57 16.47
N PHE A 331 -15.44 -21.70 17.08
CA PHE A 331 -16.21 -20.53 17.53
C PHE A 331 -16.76 -19.66 16.42
N THR A 332 -16.81 -20.18 15.20
CA THR A 332 -17.32 -19.37 14.12
C THR A 332 -18.03 -20.19 13.04
N ASP A 333 -19.15 -19.65 12.57
CA ASP A 333 -19.95 -20.28 11.54
C ASP A 333 -19.90 -19.46 10.27
N VAL A 334 -19.82 -20.15 9.13
CA VAL A 334 -19.76 -19.49 7.83
C VAL A 334 -20.76 -20.15 6.87
N ALA A 335 -21.45 -19.35 6.07
CA ALA A 335 -22.42 -19.88 5.12
C ALA A 335 -22.53 -18.94 3.92
N VAL A 336 -23.59 -19.08 3.12
CA VAL A 336 -23.79 -18.22 1.96
C VAL A 336 -25.22 -17.69 1.89
N ARG A 337 -25.33 -16.40 1.59
CA ARG A 337 -26.63 -15.73 1.48
C ARG A 337 -27.03 -15.58 0.01
N GLY A 338 -28.17 -16.19 -0.33
CA GLY A 338 -28.65 -16.13 -1.71
C GLY A 338 -29.26 -14.80 -2.10
N ASP A 339 -29.81 -14.75 -3.31
CA ASP A 339 -30.44 -13.54 -3.81
C ASP A 339 -31.86 -13.51 -3.27
N ASP A 340 -32.29 -14.66 -2.77
CA ASP A 340 -33.62 -14.80 -2.19
C ASP A 340 -33.53 -14.44 -0.70
N GLY A 341 -32.34 -13.98 -0.31
CA GLY A 341 -32.12 -13.58 1.07
C GLY A 341 -32.02 -14.75 2.01
N VAL A 342 -32.16 -15.97 1.47
CA VAL A 342 -32.08 -17.18 2.27
C VAL A 342 -30.62 -17.60 2.46
N ILE A 343 -30.27 -17.99 3.67
CA ILE A 343 -28.91 -18.42 3.96
C ILE A 343 -28.81 -19.95 3.95
N ARG A 344 -27.84 -20.47 3.21
CA ARG A 344 -27.66 -21.92 3.10
C ARG A 344 -26.26 -22.37 3.48
N GLU A 345 -26.14 -23.62 3.89
CA GLU A 345 -24.85 -24.19 4.28
C GLU A 345 -24.03 -24.63 3.09
N HIS A 346 -24.68 -24.81 1.95
CA HIS A 346 -23.99 -25.24 0.74
C HIS A 346 -24.53 -24.46 -0.45
N GLY A 347 -23.69 -24.23 -1.46
CA GLY A 347 -24.12 -23.49 -2.62
C GLY A 347 -23.39 -22.17 -2.78
N GLU A 348 -23.72 -21.43 -3.83
CA GLU A 348 -23.08 -20.14 -4.07
C GLU A 348 -23.93 -18.98 -3.60
N GLY A 349 -23.27 -17.93 -3.15
CA GLY A 349 -23.96 -16.75 -2.67
C GLY A 349 -22.94 -15.84 -2.01
N GLU A 350 -23.44 -14.90 -1.22
CA GLU A 350 -22.55 -13.99 -0.51
C GLU A 350 -22.12 -14.65 0.80
N VAL A 351 -20.81 -14.79 0.98
CA VAL A 351 -20.27 -15.37 2.19
C VAL A 351 -20.74 -14.55 3.39
N VAL A 352 -21.37 -15.21 4.35
CA VAL A 352 -21.82 -14.56 5.57
C VAL A 352 -21.14 -15.24 6.74
N ILE A 353 -21.01 -14.51 7.84
CA ILE A 353 -20.36 -15.03 9.03
C ILE A 353 -21.18 -14.77 10.30
N LYS A 354 -21.21 -15.74 11.19
CA LYS A 354 -21.93 -15.60 12.45
C LYS A 354 -21.00 -16.14 13.52
N SER A 355 -20.45 -15.24 14.32
CA SER A 355 -19.50 -15.60 15.37
C SER A 355 -19.36 -14.44 16.35
N ASP A 356 -18.77 -14.70 17.51
CA ASP A 356 -18.58 -13.65 18.49
C ASP A 356 -17.34 -12.83 18.15
N ILE A 357 -16.62 -13.25 17.12
CA ILE A 357 -15.44 -12.52 16.69
C ILE A 357 -15.85 -11.26 15.91
N LEU A 358 -17.12 -11.19 15.52
CA LEU A 358 -17.62 -10.06 14.73
C LEU A 358 -17.60 -8.70 15.41
N LEU A 359 -17.49 -7.65 14.61
CA LEU A 359 -17.48 -6.29 15.13
C LEU A 359 -18.81 -5.94 15.80
N LYS A 360 -18.76 -4.96 16.68
CA LYS A 360 -19.94 -4.47 17.37
C LYS A 360 -20.69 -3.57 16.41
N GLU A 361 -19.95 -2.75 15.68
CA GLU A 361 -20.54 -1.79 14.75
C GLU A 361 -19.45 -1.10 13.93
N TYR A 362 -19.87 -0.28 12.97
CA TYR A 362 -18.95 0.50 12.18
C TYR A 362 -18.97 1.84 12.92
N TRP A 363 -17.81 2.35 13.32
CA TRP A 363 -17.75 3.61 14.05
C TRP A 363 -18.51 4.73 13.34
N ASN A 364 -19.56 5.22 14.00
CA ASN A 364 -20.39 6.29 13.48
C ASN A 364 -20.84 6.11 12.03
N ARG A 365 -21.30 4.90 11.70
CA ARG A 365 -21.82 4.59 10.37
C ARG A 365 -23.07 3.72 10.56
N PRO A 366 -24.13 4.30 11.16
CA PRO A 366 -25.38 3.60 11.43
C PRO A 366 -25.93 2.82 10.24
N GLU A 367 -26.17 3.51 9.14
CA GLU A 367 -26.72 2.84 7.96
C GLU A 367 -25.86 1.67 7.49
N ALA A 368 -24.55 1.88 7.40
CA ALA A 368 -23.65 0.82 6.95
C ALA A 368 -23.73 -0.36 7.92
N THR A 369 -23.77 -0.05 9.21
CA THR A 369 -23.83 -1.10 10.22
C THR A 369 -25.06 -1.97 10.06
N ARG A 370 -26.23 -1.34 9.97
CA ARG A 370 -27.46 -2.12 9.83
C ARG A 370 -27.53 -2.90 8.51
N ASP A 371 -26.92 -2.37 7.46
CA ASP A 371 -26.94 -3.05 6.15
C ASP A 371 -25.93 -4.20 6.05
N ALA A 372 -25.05 -4.32 7.03
CA ALA A 372 -24.06 -5.38 7.03
C ALA A 372 -24.56 -6.58 7.83
N PHE A 373 -25.67 -6.39 8.54
CA PHE A 373 -26.25 -7.46 9.36
C PHE A 373 -27.64 -7.95 8.95
N ASP A 374 -27.78 -9.26 8.90
CA ASP A 374 -29.03 -9.89 8.53
C ASP A 374 -29.32 -11.02 9.51
N ASN A 375 -30.17 -10.72 10.48
CA ASN A 375 -30.55 -11.69 11.50
C ASN A 375 -29.35 -12.38 12.16
N GLY A 376 -28.44 -11.57 12.68
CA GLY A 376 -27.25 -12.10 13.34
C GLY A 376 -26.08 -12.46 12.43
N TRP A 377 -26.32 -12.50 11.13
CA TRP A 377 -25.26 -12.84 10.17
C TRP A 377 -24.64 -11.62 9.52
N PHE A 378 -23.30 -11.60 9.49
CA PHE A 378 -22.56 -10.50 8.88
C PHE A 378 -22.27 -10.78 7.43
N ARG A 379 -22.69 -9.87 6.55
CA ARG A 379 -22.47 -10.02 5.12
C ARG A 379 -21.10 -9.46 4.77
N THR A 380 -20.20 -10.35 4.33
CA THR A 380 -18.85 -9.97 3.98
C THR A 380 -18.71 -9.18 2.68
N GLY A 381 -19.69 -9.31 1.80
CA GLY A 381 -19.63 -8.63 0.53
C GLY A 381 -18.84 -9.46 -0.46
N ASP A 382 -18.44 -10.66 -0.04
CA ASP A 382 -17.69 -11.58 -0.91
C ASP A 382 -18.55 -12.70 -1.44
N ILE A 383 -18.45 -12.96 -2.74
CA ILE A 383 -19.20 -14.02 -3.39
C ILE A 383 -18.41 -15.30 -3.31
N GLY A 384 -19.08 -16.41 -3.05
CA GLY A 384 -18.39 -17.68 -2.97
C GLY A 384 -19.27 -18.89 -3.08
N GLU A 385 -18.62 -20.05 -3.05
CA GLU A 385 -19.32 -21.32 -3.12
C GLU A 385 -18.77 -22.26 -2.07
N ILE A 386 -19.64 -23.07 -1.48
CA ILE A 386 -19.22 -24.04 -0.50
C ILE A 386 -19.61 -25.38 -1.10
N ASP A 387 -18.64 -26.29 -1.19
CA ASP A 387 -18.91 -27.61 -1.77
C ASP A 387 -19.56 -28.52 -0.74
N ASP A 388 -20.02 -29.69 -1.17
CA ASP A 388 -20.68 -30.64 -0.27
C ASP A 388 -19.77 -31.07 0.89
N GLU A 389 -18.47 -30.89 0.72
CA GLU A 389 -17.50 -31.23 1.75
C GLU A 389 -17.48 -30.08 2.76
N GLY A 390 -18.05 -28.95 2.36
CA GLY A 390 -18.08 -27.79 3.23
C GLY A 390 -16.87 -26.88 3.09
N TYR A 391 -16.16 -26.96 1.97
CA TYR A 391 -14.99 -26.12 1.74
C TYR A 391 -15.42 -24.84 1.00
N LEU A 392 -14.87 -23.72 1.44
CA LEU A 392 -15.20 -22.41 0.86
C LEU A 392 -14.28 -21.97 -0.29
N TYR A 393 -14.90 -21.40 -1.32
CA TYR A 393 -14.16 -20.89 -2.47
C TYR A 393 -14.56 -19.44 -2.71
N ILE A 394 -13.62 -18.52 -2.56
CA ILE A 394 -13.89 -17.09 -2.75
C ILE A 394 -13.87 -16.68 -4.22
N LYS A 395 -14.97 -16.10 -4.69
CA LYS A 395 -15.09 -15.64 -6.07
C LYS A 395 -14.94 -14.13 -6.20
N ASP A 396 -15.83 -13.50 -6.96
CA ASP A 396 -15.77 -12.06 -7.14
C ASP A 396 -16.30 -11.36 -5.90
N ARG A 397 -16.32 -10.03 -5.95
CA ARG A 397 -16.85 -9.24 -4.85
C ARG A 397 -18.24 -8.77 -5.24
N LEU A 398 -19.15 -8.85 -4.28
CA LEU A 398 -20.53 -8.44 -4.49
C LEU A 398 -20.60 -6.96 -4.82
N MET B 1 17.11 11.33 -32.86
CA MET B 1 16.47 10.58 -31.76
C MET B 1 15.72 11.51 -30.84
N LYS B 2 14.88 10.94 -29.98
CA LYS B 2 14.10 11.74 -29.05
C LYS B 2 14.83 11.79 -27.72
N ASN B 3 14.53 12.84 -26.94
CA ASN B 3 15.11 13.03 -25.63
C ASN B 3 14.09 13.79 -24.79
N ILE B 4 13.62 13.15 -23.73
CA ILE B 4 12.59 13.74 -22.87
C ILE B 4 13.02 15.11 -22.33
N GLY B 5 14.30 15.27 -22.06
CA GLY B 5 14.81 16.53 -21.58
C GLY B 5 14.72 17.62 -22.63
N TRP B 6 15.17 17.32 -23.84
CA TRP B 6 15.11 18.32 -24.90
C TRP B 6 13.66 18.77 -25.09
N MET B 7 12.73 17.82 -24.94
CA MET B 7 11.32 18.14 -25.12
C MET B 7 10.85 19.25 -24.18
N LEU B 8 11.27 19.21 -22.91
CA LEU B 8 10.88 20.26 -21.97
C LEU B 8 11.37 21.59 -22.53
N ARG B 9 12.62 21.60 -23.01
CA ARG B 9 13.21 22.79 -23.59
C ARG B 9 12.39 23.27 -24.78
N GLN B 10 12.00 22.33 -25.63
CA GLN B 10 11.23 22.65 -26.82
C GLN B 10 9.86 23.20 -26.47
N ARG B 11 9.29 22.73 -25.37
CA ARG B 11 8.00 23.23 -24.92
C ARG B 11 8.20 24.65 -24.42
N ALA B 12 9.27 24.83 -23.65
CA ALA B 12 9.61 26.13 -23.09
C ALA B 12 9.88 27.12 -24.21
N THR B 13 10.28 26.61 -25.37
CA THR B 13 10.55 27.46 -26.52
C THR B 13 9.27 27.86 -27.24
N VAL B 14 8.30 26.95 -27.27
CA VAL B 14 7.03 27.21 -27.94
C VAL B 14 6.03 27.94 -27.04
N SER B 15 6.01 27.55 -25.76
CA SER B 15 5.08 28.12 -24.79
C SER B 15 5.81 28.60 -23.52
N PRO B 16 6.83 29.43 -23.67
CA PRO B 16 7.58 29.91 -22.51
C PRO B 16 6.78 30.51 -21.36
N ARG B 17 5.76 31.32 -21.68
CA ARG B 17 4.98 31.96 -20.63
C ARG B 17 3.76 31.21 -20.14
N LEU B 18 3.57 30.01 -20.66
CA LEU B 18 2.43 29.20 -20.25
C LEU B 18 2.71 28.50 -18.92
N GLN B 19 1.71 28.46 -18.05
CA GLN B 19 1.87 27.80 -16.76
C GLN B 19 2.13 26.31 -17.00
N ALA B 20 3.10 25.75 -16.28
CA ALA B 20 3.46 24.33 -16.42
C ALA B 20 3.20 23.54 -15.14
N TYR B 21 3.48 24.16 -14.00
CA TYR B 21 3.32 23.52 -12.69
C TYR B 21 2.75 24.51 -11.69
N VAL B 22 1.52 24.26 -11.24
CA VAL B 22 0.87 25.14 -10.27
C VAL B 22 0.47 24.30 -9.07
N GLU B 23 1.02 24.63 -7.91
CA GLU B 23 0.73 23.88 -6.69
C GLU B 23 0.30 24.85 -5.60
N PRO B 24 -1.01 25.09 -5.49
CA PRO B 24 -1.52 26.02 -4.48
C PRO B 24 -1.05 25.74 -3.04
N SER B 25 -1.07 24.48 -2.62
CA SER B 25 -0.68 24.16 -1.25
C SER B 25 0.75 24.55 -0.88
N THR B 26 1.64 24.65 -1.85
CA THR B 26 3.02 25.03 -1.55
C THR B 26 3.30 26.39 -2.14
N ASP B 27 2.25 27.03 -2.64
CA ASP B 27 2.32 28.35 -3.25
C ASP B 27 3.32 28.36 -4.40
N VAL B 28 3.35 27.27 -5.17
CA VAL B 28 4.25 27.17 -6.29
C VAL B 28 3.52 27.32 -7.63
N ARG B 29 4.02 28.23 -8.46
CA ARG B 29 3.46 28.49 -9.77
C ARG B 29 4.63 28.76 -10.70
N MET B 30 4.73 27.98 -11.76
CA MET B 30 5.83 28.16 -12.69
C MET B 30 5.46 27.95 -14.14
N THR B 31 6.08 28.76 -15.00
CA THR B 31 5.89 28.72 -16.44
C THR B 31 6.85 27.68 -17.00
N TYR B 32 6.62 27.24 -18.23
CA TYR B 32 7.50 26.27 -18.83
C TYR B 32 8.93 26.80 -18.93
N ALA B 33 9.08 28.09 -19.15
CA ALA B 33 10.42 28.65 -19.23
C ALA B 33 11.11 28.51 -17.88
N GLN B 34 10.37 28.76 -16.81
CA GLN B 34 10.92 28.67 -15.46
C GLN B 34 11.24 27.23 -15.09
N MET B 35 10.31 26.32 -15.39
CA MET B 35 10.50 24.92 -15.08
C MET B 35 11.71 24.35 -15.81
N ASN B 36 11.92 24.78 -17.04
CA ASN B 36 13.06 24.31 -17.83
C ASN B 36 14.37 24.86 -17.26
N ALA B 37 14.32 26.10 -16.78
CA ALA B 37 15.50 26.70 -16.16
C ALA B 37 15.85 25.93 -14.88
N LEU B 38 14.83 25.55 -14.12
CA LEU B 38 15.08 24.81 -12.88
C LEU B 38 15.65 23.43 -13.22
N ALA B 39 15.19 22.85 -14.33
CA ALA B 39 15.71 21.55 -14.74
C ALA B 39 17.20 21.66 -15.06
N ASN B 40 17.61 22.77 -15.68
CA ASN B 40 19.02 22.94 -15.99
C ASN B 40 19.81 23.05 -14.69
N ARG B 41 19.24 23.73 -13.72
CA ARG B 41 19.90 23.88 -12.42
C ARG B 41 20.06 22.52 -11.77
N CYS B 42 19.05 21.67 -11.91
CA CYS B 42 19.12 20.34 -11.34
C CYS B 42 20.21 19.58 -12.08
N ALA B 43 20.29 19.77 -13.39
CA ALA B 43 21.29 19.09 -14.21
C ALA B 43 22.68 19.46 -13.70
N ASP B 44 22.92 20.76 -13.51
CA ASP B 44 24.20 21.25 -13.03
C ASP B 44 24.52 20.66 -11.65
N VAL B 45 23.49 20.54 -10.81
CA VAL B 45 23.64 19.97 -9.46
C VAL B 45 24.06 18.51 -9.58
N LEU B 46 23.31 17.75 -10.36
CA LEU B 46 23.61 16.34 -10.57
C LEU B 46 25.03 16.15 -11.08
N THR B 47 25.42 16.98 -12.04
CA THR B 47 26.74 16.88 -12.62
C THR B 47 27.82 17.10 -11.58
N ALA B 48 27.60 18.06 -10.69
CA ALA B 48 28.56 18.35 -9.63
C ALA B 48 28.62 17.15 -8.68
N LEU B 49 27.48 16.51 -8.49
CA LEU B 49 27.37 15.34 -7.61
C LEU B 49 28.04 14.10 -8.22
N GLY B 50 28.55 14.24 -9.45
CA GLY B 50 29.22 13.10 -10.08
C GLY B 50 28.37 12.20 -10.96
N ILE B 51 27.17 12.65 -11.30
CA ILE B 51 26.27 11.86 -12.16
C ILE B 51 26.64 12.02 -13.64
N ALA B 52 26.94 10.91 -14.30
CA ALA B 52 27.30 10.93 -15.72
C ALA B 52 26.28 10.13 -16.51
N LYS B 53 26.35 10.19 -17.83
CA LYS B 53 25.44 9.44 -18.68
C LYS B 53 25.42 7.99 -18.20
N GLY B 54 24.22 7.44 -18.00
CA GLY B 54 24.09 6.06 -17.55
C GLY B 54 24.02 5.86 -16.03
N ASP B 55 24.49 6.82 -15.26
CA ASP B 55 24.46 6.71 -13.80
C ASP B 55 23.03 6.82 -13.27
N ARG B 56 22.72 6.05 -12.24
CA ARG B 56 21.39 6.11 -11.65
C ARG B 56 21.34 7.12 -10.52
N VAL B 57 20.26 7.91 -10.49
CA VAL B 57 20.05 8.87 -9.43
C VAL B 57 18.66 8.55 -8.88
N ALA B 58 18.61 8.17 -7.61
CA ALA B 58 17.37 7.79 -6.98
C ALA B 58 16.60 9.00 -6.45
N LEU B 59 15.28 8.95 -6.57
CA LEU B 59 14.43 10.02 -6.09
C LEU B 59 13.41 9.48 -5.10
N LEU B 60 13.58 9.89 -3.84
CA LEU B 60 12.71 9.47 -2.75
C LEU B 60 12.12 10.74 -2.15
N MET B 61 11.08 11.28 -2.78
CA MET B 61 10.50 12.52 -2.28
C MET B 61 9.04 12.70 -2.62
N PRO B 62 8.38 13.66 -1.94
CA PRO B 62 6.97 13.92 -2.19
C PRO B 62 6.82 14.66 -3.51
N ASN B 63 5.64 14.60 -4.10
CA ASN B 63 5.42 15.29 -5.36
C ASN B 63 5.86 16.72 -5.20
N SER B 64 6.50 17.26 -6.24
CA SER B 64 6.97 18.63 -6.21
C SER B 64 7.53 19.00 -7.57
N VAL B 65 7.80 20.29 -7.78
CA VAL B 65 8.36 20.70 -9.05
C VAL B 65 9.83 20.28 -9.05
N GLU B 66 10.40 20.10 -7.86
CA GLU B 66 11.79 19.68 -7.76
C GLU B 66 11.92 18.26 -8.28
N PHE B 67 10.99 17.39 -7.87
CA PHE B 67 11.03 16.01 -8.32
C PHE B 67 10.98 15.99 -9.85
N CYS B 68 10.01 16.71 -10.39
CA CYS B 68 9.84 16.77 -11.83
C CYS B 68 11.10 17.23 -12.55
N CYS B 69 11.66 18.33 -12.08
CA CYS B 69 12.86 18.90 -12.69
C CYS B 69 14.11 18.07 -12.56
N LEU B 70 14.22 17.30 -11.48
CA LEU B 70 15.39 16.47 -11.31
C LEU B 70 15.45 15.38 -12.39
N PHE B 71 14.31 14.79 -12.75
CA PHE B 71 14.39 13.76 -13.78
C PHE B 71 14.50 14.38 -15.18
N TYR B 72 13.91 15.56 -15.37
CA TYR B 72 14.04 16.22 -16.67
C TYR B 72 15.51 16.60 -16.80
N GLY B 73 16.13 16.90 -15.66
CA GLY B 73 17.53 17.26 -15.65
C GLY B 73 18.39 16.04 -15.92
N ALA B 74 18.04 14.93 -15.28
CA ALA B 74 18.78 13.68 -15.45
C ALA B 74 18.68 13.28 -16.91
N ALA B 75 17.49 13.50 -17.48
CA ALA B 75 17.22 13.18 -18.88
C ALA B 75 18.16 13.93 -19.82
N LYS B 76 18.36 15.22 -19.57
CA LYS B 76 19.24 16.01 -20.42
C LYS B 76 20.68 15.55 -20.29
N LEU B 77 20.98 14.93 -19.16
CA LEU B 77 22.32 14.44 -18.85
C LEU B 77 22.49 13.01 -19.33
N GLY B 78 21.38 12.35 -19.64
CA GLY B 78 21.46 10.97 -20.07
C GLY B 78 21.56 10.06 -18.87
N ALA B 79 21.20 10.59 -17.70
CA ALA B 79 21.24 9.82 -16.46
C ALA B 79 19.92 9.06 -16.31
N VAL B 80 19.91 8.09 -15.40
CA VAL B 80 18.74 7.26 -15.18
C VAL B 80 18.12 7.52 -13.81
N ALA B 81 16.88 8.02 -13.82
CA ALA B 81 16.18 8.31 -12.57
C ALA B 81 15.48 7.07 -12.03
N VAL B 82 15.62 6.83 -10.73
CA VAL B 82 15.00 5.69 -10.07
C VAL B 82 14.00 6.24 -9.06
N PRO B 83 12.77 6.50 -9.52
CA PRO B 83 11.79 7.03 -8.57
C PRO B 83 11.34 5.95 -7.61
N ILE B 84 11.44 6.25 -6.32
CA ILE B 84 11.09 5.31 -5.27
C ILE B 84 9.87 5.71 -4.45
N ASN B 85 8.95 4.76 -4.28
CA ASN B 85 7.72 4.94 -3.52
C ASN B 85 8.04 5.34 -2.06
N THR B 86 7.46 6.45 -1.62
CA THR B 86 7.70 6.95 -0.27
C THR B 86 6.95 6.22 0.85
N ARG B 87 6.16 5.20 0.49
CA ARG B 87 5.43 4.43 1.49
C ARG B 87 6.26 3.22 1.88
N LEU B 88 7.27 2.92 1.07
CA LEU B 88 8.14 1.78 1.30
C LEU B 88 8.94 1.90 2.60
N ALA B 89 9.36 0.76 3.12
CA ALA B 89 10.13 0.70 4.36
C ALA B 89 11.63 0.65 4.04
N ALA B 90 12.44 1.00 5.02
CA ALA B 90 13.89 1.02 4.86
C ALA B 90 14.45 -0.16 4.08
N PRO B 91 14.25 -1.39 4.57
CA PRO B 91 14.79 -2.55 3.84
C PRO B 91 14.36 -2.62 2.36
N GLU B 92 13.13 -2.22 2.07
CA GLU B 92 12.66 -2.24 0.69
C GLU B 92 13.43 -1.21 -0.14
N VAL B 93 13.52 0.01 0.35
CA VAL B 93 14.23 1.07 -0.34
C VAL B 93 15.68 0.66 -0.54
N SER B 94 16.31 0.19 0.52
CA SER B 94 17.70 -0.23 0.47
C SER B 94 17.90 -1.30 -0.60
N PHE B 95 16.91 -2.16 -0.75
CA PHE B 95 16.99 -3.21 -1.76
C PHE B 95 17.03 -2.59 -3.14
N ILE B 96 16.19 -1.59 -3.37
CA ILE B 96 16.12 -0.90 -4.65
C ILE B 96 17.44 -0.18 -4.97
N LEU B 97 17.97 0.54 -3.98
CA LEU B 97 19.22 1.26 -4.16
C LEU B 97 20.37 0.32 -4.53
N SER B 98 20.52 -0.76 -3.78
CA SER B 98 21.60 -1.71 -4.06
C SER B 98 21.32 -2.50 -5.34
N ASP B 99 20.07 -2.86 -5.59
CA ASP B 99 19.77 -3.59 -6.82
C ASP B 99 20.02 -2.71 -8.03
N SER B 100 19.57 -1.45 -7.96
CA SER B 100 19.73 -0.52 -9.07
C SER B 100 21.16 0.04 -9.19
N GLY B 101 21.91 -0.02 -8.11
CA GLY B 101 23.27 0.49 -8.15
C GLY B 101 23.31 2.01 -8.27
N SER B 102 22.37 2.68 -7.61
CA SER B 102 22.31 4.14 -7.63
C SER B 102 23.53 4.74 -6.94
N LYS B 103 24.06 5.84 -7.47
CA LYS B 103 25.21 6.45 -6.81
C LYS B 103 24.84 7.74 -6.07
N VAL B 104 23.64 8.26 -6.34
CA VAL B 104 23.19 9.46 -5.67
C VAL B 104 21.72 9.35 -5.26
N VAL B 105 21.45 9.68 -4.00
CA VAL B 105 20.10 9.61 -3.47
C VAL B 105 19.60 10.99 -3.03
N ILE B 106 18.57 11.49 -3.70
CA ILE B 106 17.99 12.78 -3.35
C ILE B 106 16.66 12.48 -2.66
N TYR B 107 16.53 12.87 -1.39
CA TYR B 107 15.31 12.58 -0.64
C TYR B 107 14.65 13.78 0.02
N GLY B 108 13.34 13.65 0.22
CA GLY B 108 12.57 14.71 0.85
C GLY B 108 12.60 14.54 2.36
N ALA B 109 12.13 15.56 3.08
CA ALA B 109 12.12 15.52 4.54
C ALA B 109 11.37 14.32 5.11
N PRO B 110 10.17 14.03 4.59
CA PRO B 110 9.40 12.90 5.10
C PRO B 110 10.15 11.56 5.04
N SER B 111 11.13 11.47 4.14
CA SER B 111 11.89 10.25 4.01
C SER B 111 13.17 10.23 4.80
N ALA B 112 13.43 11.32 5.53
CA ALA B 112 14.64 11.40 6.34
C ALA B 112 14.79 10.21 7.30
N PRO B 113 13.70 9.81 7.98
CA PRO B 113 13.78 8.67 8.90
C PRO B 113 14.23 7.38 8.21
N VAL B 114 13.72 7.13 7.02
CA VAL B 114 14.08 5.94 6.26
C VAL B 114 15.54 5.96 5.80
N ILE B 115 16.01 7.12 5.38
CA ILE B 115 17.39 7.25 4.93
C ILE B 115 18.34 7.04 6.10
N ASP B 116 18.02 7.64 7.25
CA ASP B 116 18.84 7.51 8.44
C ASP B 116 18.96 6.05 8.86
N ALA B 117 17.89 5.29 8.70
CA ALA B 117 17.93 3.88 9.06
C ALA B 117 18.86 3.10 8.12
N ILE B 118 18.73 3.35 6.81
CA ILE B 118 19.57 2.68 5.81
C ILE B 118 21.05 3.05 5.99
N ARG B 119 21.31 4.28 6.38
CA ARG B 119 22.67 4.75 6.57
C ARG B 119 23.27 4.18 7.85
N ALA B 120 22.41 3.70 8.74
CA ALA B 120 22.86 3.15 10.01
C ALA B 120 23.02 1.64 10.00
N GLN B 121 22.61 0.99 8.92
CA GLN B 121 22.72 -0.46 8.86
C GLN B 121 24.18 -0.89 8.68
N ALA B 122 24.44 -2.18 8.88
CA ALA B 122 25.79 -2.74 8.77
C ALA B 122 26.32 -2.78 7.34
N ASP B 123 25.41 -2.87 6.38
CA ASP B 123 25.80 -2.94 4.98
C ASP B 123 24.92 -2.02 4.14
N PRO B 124 25.15 -0.70 4.24
CA PRO B 124 24.33 0.22 3.44
C PRO B 124 24.74 0.15 1.97
N PRO B 125 23.80 0.40 1.05
CA PRO B 125 24.16 0.34 -0.37
C PRO B 125 25.45 1.10 -0.63
N GLY B 126 26.49 0.36 -0.99
CA GLY B 126 27.80 0.94 -1.23
C GLY B 126 28.00 1.76 -2.48
N THR B 127 27.09 1.65 -3.44
CA THR B 127 27.22 2.40 -4.68
C THR B 127 26.82 3.86 -4.48
N VAL B 128 26.15 4.15 -3.38
CA VAL B 128 25.72 5.52 -3.12
C VAL B 128 26.84 6.37 -2.53
N THR B 129 27.25 7.39 -3.27
CA THR B 129 28.32 8.29 -2.82
C THR B 129 27.78 9.51 -2.10
N ASP B 130 26.55 9.90 -2.43
CA ASP B 130 25.96 11.08 -1.81
C ASP B 130 24.49 10.90 -1.47
N TRP B 131 24.11 11.29 -0.27
CA TRP B 131 22.72 11.25 0.20
C TRP B 131 22.33 12.71 0.36
N ILE B 132 21.51 13.22 -0.54
CA ILE B 132 21.10 14.62 -0.54
C ILE B 132 19.70 14.93 -0.05
N GLY B 133 19.61 15.67 1.06
CA GLY B 133 18.31 16.04 1.62
C GLY B 133 17.75 17.35 1.08
N ALA B 134 16.52 17.65 1.48
CA ALA B 134 15.82 18.86 1.05
C ALA B 134 16.63 20.17 1.14
N ASP B 135 17.11 20.50 2.33
CA ASP B 135 17.89 21.73 2.49
C ASP B 135 19.12 21.73 1.58
N SER B 136 19.84 20.61 1.58
CA SER B 136 21.03 20.48 0.77
C SER B 136 20.74 20.73 -0.70
N LEU B 137 19.63 20.18 -1.20
CA LEU B 137 19.27 20.40 -2.60
C LEU B 137 19.01 21.88 -2.81
N ALA B 138 18.22 22.49 -1.92
CA ALA B 138 17.90 23.90 -2.05
C ALA B 138 19.18 24.72 -2.10
N GLU B 139 20.10 24.42 -1.19
CA GLU B 139 21.36 25.14 -1.14
C GLU B 139 22.07 25.02 -2.48
N ARG B 140 22.26 23.80 -2.96
CA ARG B 140 22.95 23.58 -4.23
C ARG B 140 22.28 24.26 -5.42
N LEU B 141 20.95 24.23 -5.45
CA LEU B 141 20.20 24.84 -6.54
C LEU B 141 20.34 26.35 -6.64
N ARG B 142 20.48 27.02 -5.50
CA ARG B 142 20.60 28.49 -5.51
C ARG B 142 21.91 28.95 -6.11
N SER B 143 22.91 28.08 -6.12
CA SER B 143 24.21 28.43 -6.67
C SER B 143 24.47 27.76 -8.01
N ALA B 144 23.49 27.01 -8.49
CA ALA B 144 23.65 26.28 -9.76
C ALA B 144 23.48 27.12 -11.02
N ALA B 145 24.09 26.65 -12.10
CA ALA B 145 24.00 27.32 -13.40
C ALA B 145 22.72 26.86 -14.10
N ALA B 146 22.10 27.76 -14.84
CA ALA B 146 20.85 27.44 -15.55
C ALA B 146 21.10 27.17 -17.02
N ASP B 147 22.35 26.88 -17.34
CA ASP B 147 22.72 26.60 -18.71
C ASP B 147 22.15 25.27 -19.22
N GLU B 148 21.92 25.22 -20.52
CA GLU B 148 21.39 24.05 -21.18
C GLU B 148 22.53 23.03 -21.31
N PRO B 149 22.35 21.81 -20.76
CA PRO B 149 23.41 20.80 -20.87
C PRO B 149 23.68 20.52 -22.34
N ALA B 150 24.89 20.06 -22.64
CA ALA B 150 25.25 19.72 -24.02
C ALA B 150 25.68 18.26 -24.10
N VAL B 151 24.71 17.36 -24.01
CA VAL B 151 25.04 15.93 -24.06
C VAL B 151 24.21 15.24 -25.14
N GLU B 152 24.89 14.59 -26.07
CA GLU B 152 24.20 13.88 -27.12
C GLU B 152 23.72 12.54 -26.60
N CYS B 153 22.44 12.47 -26.22
CA CYS B 153 21.88 11.23 -25.71
C CYS B 153 20.38 11.20 -25.94
N GLY B 154 19.79 10.02 -25.76
CA GLY B 154 18.36 9.87 -25.98
C GLY B 154 18.07 8.52 -26.60
N GLY B 155 17.05 8.47 -27.46
CA GLY B 155 16.71 7.22 -28.10
C GLY B 155 16.61 6.08 -27.11
N ASP B 156 17.33 4.99 -27.37
CA ASP B 156 17.30 3.82 -26.51
C ASP B 156 18.11 3.91 -25.21
N ASP B 157 18.68 5.08 -24.90
CA ASP B 157 19.46 5.21 -23.67
C ASP B 157 18.52 5.08 -22.48
N ASN B 158 18.96 4.39 -21.43
CA ASN B 158 18.11 4.21 -20.26
C ASN B 158 17.77 5.58 -19.68
N LEU B 159 16.55 5.71 -19.17
CA LEU B 159 16.07 6.97 -18.58
C LEU B 159 15.51 6.74 -17.19
N PHE B 160 14.64 5.74 -17.08
CA PHE B 160 13.99 5.40 -15.82
C PHE B 160 14.11 3.92 -15.46
N ILE B 161 14.09 3.65 -14.16
CA ILE B 161 14.06 2.29 -13.67
C ILE B 161 12.94 2.35 -12.64
N MET B 162 11.81 1.75 -12.98
CA MET B 162 10.66 1.74 -12.08
C MET B 162 10.49 0.34 -11.50
N TYR B 163 10.66 0.20 -10.20
CA TYR B 163 10.53 -1.10 -9.57
C TYR B 163 9.07 -1.51 -9.36
N THR B 164 8.78 -2.78 -9.64
CA THR B 164 7.43 -3.31 -9.48
C THR B 164 7.41 -4.71 -8.91
N SER B 165 6.19 -5.19 -8.66
CA SER B 165 5.97 -6.52 -8.11
C SER B 165 6.61 -6.59 -6.73
N GLY B 166 6.49 -5.49 -5.99
CA GLY B 166 7.04 -5.46 -4.65
C GLY B 166 6.21 -6.45 -3.86
N THR B 167 5.06 -6.78 -4.42
CA THR B 167 4.14 -7.74 -3.84
C THR B 167 4.60 -9.14 -4.15
N THR B 168 4.19 -9.65 -5.31
CA THR B 168 4.50 -11.00 -5.78
C THR B 168 5.97 -11.44 -5.65
N GLY B 169 6.53 -11.25 -4.46
CA GLY B 169 7.90 -11.63 -4.18
C GLY B 169 8.88 -11.66 -5.34
N HIS B 170 8.76 -10.70 -6.25
CA HIS B 170 9.66 -10.62 -7.40
C HIS B 170 9.92 -9.16 -7.75
N PRO B 171 10.46 -8.39 -6.80
CA PRO B 171 10.74 -6.98 -7.06
C PRO B 171 11.81 -6.83 -8.14
N LYS B 172 11.41 -6.29 -9.29
CA LYS B 172 12.32 -6.09 -10.40
C LYS B 172 12.22 -4.65 -10.87
N GLY B 173 13.31 -4.14 -11.42
CA GLY B 173 13.28 -2.79 -11.93
C GLY B 173 12.92 -2.82 -13.40
N VAL B 174 11.91 -2.04 -13.78
CA VAL B 174 11.50 -1.98 -15.18
C VAL B 174 12.27 -0.83 -15.78
N VAL B 175 13.12 -1.11 -16.76
CA VAL B 175 13.89 -0.05 -17.38
C VAL B 175 13.28 0.47 -18.67
N HIS B 176 12.97 1.77 -18.66
CA HIS B 176 12.38 2.45 -19.79
C HIS B 176 13.39 3.43 -20.38
N THR B 177 13.20 3.73 -21.64
CA THR B 177 14.09 4.62 -22.37
C THR B 177 13.37 5.87 -22.84
N HIS B 178 14.16 6.84 -23.30
CA HIS B 178 13.59 8.06 -23.82
C HIS B 178 12.54 7.72 -24.87
N GLU B 179 12.86 6.77 -25.74
CA GLU B 179 11.96 6.36 -26.80
C GLU B 179 10.67 5.71 -26.28
N SER B 180 10.78 4.79 -25.32
CA SER B 180 9.58 4.16 -24.81
C SER B 180 8.73 5.15 -24.02
N VAL B 181 9.37 6.09 -23.33
CA VAL B 181 8.63 7.10 -22.57
C VAL B 181 7.98 8.09 -23.54
N HIS B 182 8.71 8.45 -24.58
CA HIS B 182 8.21 9.36 -25.60
C HIS B 182 6.98 8.72 -26.27
N SER B 183 7.09 7.45 -26.63
CA SER B 183 5.98 6.72 -27.26
C SER B 183 4.76 6.65 -26.34
N ALA B 184 4.99 6.28 -25.08
CA ALA B 184 3.91 6.17 -24.10
C ALA B 184 3.21 7.52 -23.96
N ALA B 185 4.01 8.57 -23.73
CA ALA B 185 3.46 9.90 -23.59
C ALA B 185 2.72 10.25 -24.87
N SER B 186 3.31 9.85 -26.00
CA SER B 186 2.73 10.11 -27.30
C SER B 186 1.42 9.33 -27.51
N SER B 187 1.36 8.11 -26.97
CA SER B 187 0.16 7.31 -27.10
C SER B 187 -1.00 7.96 -26.35
N TRP B 188 -0.73 8.41 -25.14
CA TRP B 188 -1.75 9.07 -24.32
C TRP B 188 -2.29 10.35 -24.94
N ALA B 189 -1.39 11.26 -25.31
CA ALA B 189 -1.78 12.54 -25.89
C ALA B 189 -2.56 12.39 -27.19
N SER B 190 -2.37 11.28 -27.89
CA SER B 190 -3.07 11.06 -29.16
C SER B 190 -4.35 10.27 -28.99
N THR B 191 -4.51 9.62 -27.84
CA THR B 191 -5.71 8.82 -27.60
C THR B 191 -6.77 9.59 -26.81
N ILE B 192 -6.39 10.15 -25.67
CA ILE B 192 -7.37 10.90 -24.89
C ILE B 192 -7.51 12.33 -25.38
N ASP B 193 -8.68 12.90 -25.13
CA ASP B 193 -8.98 14.26 -25.55
C ASP B 193 -8.28 15.28 -24.66
N VAL B 194 -7.02 15.55 -24.99
CA VAL B 194 -6.21 16.51 -24.25
C VAL B 194 -5.97 17.69 -25.18
N ARG B 195 -6.29 18.88 -24.72
CA ARG B 195 -6.11 20.06 -25.55
C ARG B 195 -4.93 20.88 -25.09
N TYR B 196 -4.40 21.71 -25.98
CA TYR B 196 -3.29 22.58 -25.65
C TYR B 196 -3.81 23.57 -24.60
N ARG B 197 -2.98 23.88 -23.61
CA ARG B 197 -3.36 24.80 -22.54
C ARG B 197 -4.34 24.19 -21.53
N ASP B 198 -4.72 22.93 -21.72
CA ASP B 198 -5.64 22.29 -20.78
C ASP B 198 -4.98 22.34 -19.40
N ARG B 199 -5.79 22.36 -18.35
CA ARG B 199 -5.28 22.35 -16.98
C ARG B 199 -5.63 20.96 -16.42
N LEU B 200 -4.62 20.21 -16.02
CA LEU B 200 -4.84 18.85 -15.53
C LEU B 200 -4.47 18.60 -14.07
N LEU B 201 -5.36 17.93 -13.35
CA LEU B 201 -5.15 17.63 -11.94
C LEU B 201 -4.36 16.36 -11.69
N LEU B 202 -3.23 16.50 -11.03
CA LEU B 202 -2.39 15.34 -10.70
C LEU B 202 -2.40 15.11 -9.19
N PRO B 203 -3.16 14.12 -8.72
CA PRO B 203 -3.21 13.83 -7.29
C PRO B 203 -2.60 12.47 -6.93
N LEU B 204 -1.81 11.91 -7.84
CA LEU B 204 -1.17 10.61 -7.64
C LEU B 204 0.34 10.74 -7.43
N PRO B 205 0.91 9.91 -6.54
CA PRO B 205 2.35 9.96 -6.28
C PRO B 205 3.14 9.84 -7.58
N MET B 206 4.11 10.73 -7.78
CA MET B 206 4.90 10.73 -9.00
C MET B 206 5.85 9.58 -9.26
N PHE B 207 6.00 8.69 -8.27
CA PHE B 207 6.89 7.55 -8.45
C PHE B 207 6.18 6.46 -9.22
N HIS B 208 4.89 6.65 -9.44
CA HIS B 208 4.09 5.68 -10.18
C HIS B 208 4.22 5.96 -11.69
N VAL B 209 4.31 4.89 -12.48
CA VAL B 209 4.45 5.01 -13.93
C VAL B 209 3.39 5.89 -14.60
N ALA B 210 2.13 5.71 -14.22
CA ALA B 210 1.05 6.50 -14.80
C ALA B 210 1.21 7.98 -14.47
N ALA B 211 1.64 8.27 -13.25
CA ALA B 211 1.82 9.66 -12.83
C ALA B 211 3.00 10.25 -13.58
N LEU B 212 4.07 9.46 -13.68
CA LEU B 212 5.27 9.90 -14.37
C LEU B 212 4.94 10.19 -15.83
N THR B 213 4.16 9.31 -16.45
CA THR B 213 3.78 9.49 -17.85
C THR B 213 2.89 10.71 -18.02
N THR B 214 2.08 11.03 -17.01
CA THR B 214 1.21 12.18 -17.09
C THR B 214 1.99 13.50 -17.13
N VAL B 215 3.01 13.62 -16.29
CA VAL B 215 3.81 14.84 -16.25
C VAL B 215 4.58 15.05 -17.56
N ILE B 216 5.07 13.95 -18.13
CA ILE B 216 5.82 14.00 -19.37
C ILE B 216 4.93 14.32 -20.57
N PHE B 217 3.75 13.73 -20.60
CA PHE B 217 2.80 13.96 -21.69
C PHE B 217 2.17 15.35 -21.62
N SER B 218 2.13 15.93 -20.44
CA SER B 218 1.58 17.27 -20.26
C SER B 218 2.57 18.27 -20.87
N ALA B 219 3.86 18.01 -20.71
CA ALA B 219 4.86 18.89 -21.26
C ALA B 219 4.84 18.76 -22.78
N MET B 220 4.59 17.54 -23.26
CA MET B 220 4.54 17.29 -24.70
C MET B 220 3.40 18.06 -25.39
N ARG B 221 2.23 18.11 -24.75
CA ARG B 221 1.07 18.80 -25.31
C ARG B 221 0.97 20.27 -24.87
N GLY B 222 1.76 20.66 -23.89
CA GLY B 222 1.67 22.03 -23.41
C GLY B 222 0.46 22.14 -22.51
N VAL B 223 0.44 21.26 -21.51
CA VAL B 223 -0.65 21.20 -20.55
C VAL B 223 -0.18 21.80 -19.23
N THR B 224 -1.09 22.49 -18.54
CA THR B 224 -0.74 23.09 -17.26
C THR B 224 -1.03 22.05 -16.18
N LEU B 225 0.02 21.61 -15.51
CA LEU B 225 -0.11 20.61 -14.45
C LEU B 225 -0.59 21.22 -13.14
N ILE B 226 -1.72 20.73 -12.65
CA ILE B 226 -2.23 21.20 -11.36
C ILE B 226 -1.94 20.11 -10.35
N SER B 227 -0.99 20.37 -9.46
CA SER B 227 -0.60 19.40 -8.46
C SER B 227 -1.22 19.47 -7.08
N MET B 228 -1.62 18.32 -6.58
CA MET B 228 -2.13 18.21 -5.22
C MET B 228 -1.18 17.16 -4.63
N PRO B 229 -0.02 17.60 -4.12
CA PRO B 229 1.03 16.75 -3.53
C PRO B 229 0.48 15.51 -2.84
N GLN B 230 -0.44 15.71 -1.91
CA GLN B 230 -1.06 14.59 -1.21
C GLN B 230 -2.57 14.76 -1.26
N PHE B 231 -3.22 13.83 -1.94
CA PHE B 231 -4.67 13.84 -2.11
C PHE B 231 -5.42 14.12 -0.81
N ASP B 232 -6.35 15.06 -0.90
CA ASP B 232 -7.19 15.45 0.23
C ASP B 232 -8.59 15.61 -0.32
N ALA B 233 -9.43 14.62 -0.08
CA ALA B 233 -10.81 14.67 -0.57
C ALA B 233 -11.68 15.67 0.19
N THR B 234 -11.10 16.80 0.58
CA THR B 234 -11.87 17.82 1.30
C THR B 234 -11.45 19.17 0.74
N LYS B 235 -10.60 19.11 -0.28
CA LYS B 235 -10.11 20.31 -0.94
C LYS B 235 -10.12 20.09 -2.44
N VAL B 236 -10.22 18.84 -2.85
CA VAL B 236 -10.21 18.49 -4.27
C VAL B 236 -11.07 19.41 -5.12
N TRP B 237 -12.38 19.35 -4.87
CA TRP B 237 -13.33 20.14 -5.62
C TRP B 237 -13.05 21.64 -5.66
N SER B 238 -12.74 22.24 -4.50
CA SER B 238 -12.46 23.67 -4.50
C SER B 238 -11.22 23.91 -5.35
N LEU B 239 -10.27 22.99 -5.28
CA LEU B 239 -9.03 23.10 -6.05
C LEU B 239 -9.37 22.96 -7.53
N ILE B 240 -10.33 22.08 -7.81
CA ILE B 240 -10.75 21.83 -9.18
C ILE B 240 -11.44 23.02 -9.83
N VAL B 241 -12.31 23.70 -9.09
CA VAL B 241 -13.00 24.86 -9.67
C VAL B 241 -12.10 26.09 -9.57
N GLU B 242 -11.34 26.17 -8.49
CA GLU B 242 -10.46 27.30 -8.24
C GLU B 242 -9.36 27.43 -9.28
N GLU B 243 -8.85 26.29 -9.74
CA GLU B 243 -7.80 26.32 -10.73
C GLU B 243 -8.32 25.97 -12.12
N ARG B 244 -9.63 25.97 -12.26
CA ARG B 244 -10.25 25.66 -13.54
C ARG B 244 -9.67 24.40 -14.16
N VAL B 245 -9.60 23.33 -13.37
CA VAL B 245 -9.06 22.06 -13.87
C VAL B 245 -9.98 21.46 -14.93
N CYS B 246 -9.41 21.13 -16.08
CA CYS B 246 -10.16 20.57 -17.19
C CYS B 246 -10.20 19.05 -17.17
N ILE B 247 -9.10 18.47 -16.71
CA ILE B 247 -8.96 17.02 -16.66
C ILE B 247 -8.35 16.59 -15.35
N GLY B 248 -8.76 15.42 -14.87
CA GLY B 248 -8.22 14.92 -13.62
C GLY B 248 -7.90 13.44 -13.66
N GLY B 249 -6.78 13.07 -13.06
CA GLY B 249 -6.37 11.67 -13.02
C GLY B 249 -6.77 11.11 -11.67
N ALA B 250 -7.20 9.86 -11.65
CA ALA B 250 -7.61 9.26 -10.39
C ALA B 250 -7.78 7.76 -10.50
N VAL B 251 -8.18 7.17 -9.38
CA VAL B 251 -8.41 5.74 -9.27
C VAL B 251 -9.86 5.65 -8.78
N PRO B 252 -10.60 4.62 -9.20
CA PRO B 252 -11.99 4.51 -8.75
C PRO B 252 -12.24 4.80 -7.27
N ALA B 253 -11.33 4.36 -6.42
CA ALA B 253 -11.47 4.56 -4.98
C ALA B 253 -11.57 6.04 -4.64
N ILE B 254 -10.83 6.85 -5.37
CA ILE B 254 -10.82 8.30 -5.16
C ILE B 254 -12.12 8.93 -5.65
N LEU B 255 -12.63 8.44 -6.77
CA LEU B 255 -13.86 8.99 -7.32
C LEU B 255 -15.06 8.61 -6.46
N ASN B 256 -14.99 7.45 -5.84
CA ASN B 256 -16.07 6.99 -4.98
C ASN B 256 -16.08 7.89 -3.74
N PHE B 257 -14.89 8.06 -3.18
CA PHE B 257 -14.67 8.89 -2.00
C PHE B 257 -15.04 10.35 -2.29
N MET B 258 -14.71 10.81 -3.50
CA MET B 258 -14.98 12.19 -3.91
C MET B 258 -16.45 12.51 -4.16
N ARG B 259 -17.28 11.49 -4.34
CA ARG B 259 -18.70 11.74 -4.59
C ARG B 259 -19.52 11.70 -3.30
N GLN B 260 -18.86 11.43 -2.19
CA GLN B 260 -19.53 11.35 -0.88
C GLN B 260 -19.43 12.66 -0.11
N VAL B 261 -18.46 13.50 -0.46
CA VAL B 261 -18.27 14.78 0.23
C VAL B 261 -19.39 15.78 -0.08
N PRO B 262 -19.61 16.75 0.82
CA PRO B 262 -20.65 17.78 0.67
C PRO B 262 -20.51 18.67 -0.56
N GLU B 263 -19.27 18.97 -0.95
CA GLU B 263 -19.03 19.82 -2.11
C GLU B 263 -19.64 19.26 -3.40
N PHE B 264 -19.71 17.93 -3.49
CA PHE B 264 -20.24 17.26 -4.69
C PHE B 264 -21.70 17.53 -5.01
N ALA B 265 -22.53 17.60 -3.98
CA ALA B 265 -23.96 17.84 -4.16
C ALA B 265 -24.24 18.88 -5.23
N GLU B 266 -23.75 20.09 -5.01
CA GLU B 266 -23.95 21.16 -5.99
C GLU B 266 -22.64 21.61 -6.61
N LEU B 267 -21.92 20.67 -7.19
CA LEU B 267 -20.64 20.98 -7.83
C LEU B 267 -20.89 21.80 -9.09
N ASP B 268 -20.24 22.95 -9.16
CA ASP B 268 -20.37 23.83 -10.31
C ASP B 268 -18.99 24.02 -10.93
N ALA B 269 -18.57 23.06 -11.75
CA ALA B 269 -17.27 23.12 -12.41
C ALA B 269 -17.45 23.00 -13.92
N PRO B 270 -17.65 24.13 -14.61
CA PRO B 270 -17.86 24.26 -16.06
C PRO B 270 -16.68 23.79 -16.91
N ASP B 271 -15.47 24.02 -16.42
CA ASP B 271 -14.28 23.64 -17.17
C ASP B 271 -13.91 22.17 -17.05
N PHE B 272 -14.40 21.50 -16.01
CA PHE B 272 -14.06 20.09 -15.81
C PHE B 272 -14.81 19.19 -16.77
N ARG B 273 -14.06 18.48 -17.63
CA ARG B 273 -14.66 17.58 -18.63
C ARG B 273 -14.71 16.10 -18.26
N TYR B 274 -13.65 15.56 -17.65
CA TYR B 274 -13.65 14.15 -17.29
C TYR B 274 -12.47 13.71 -16.45
N PHE B 275 -12.57 12.46 -15.98
CA PHE B 275 -11.52 11.82 -15.18
C PHE B 275 -10.91 10.67 -15.96
N ILE B 276 -9.66 10.39 -15.65
CA ILE B 276 -8.95 9.26 -16.25
C ILE B 276 -8.75 8.36 -15.05
N THR B 277 -9.04 7.08 -15.20
CA THR B 277 -8.87 6.17 -14.09
C THR B 277 -8.31 4.84 -14.55
N GLY B 278 -7.68 4.13 -13.62
CA GLY B 278 -7.09 2.85 -13.93
C GLY B 278 -6.74 2.07 -12.68
N GLY B 279 -6.12 0.90 -12.86
CA GLY B 279 -5.76 0.07 -11.73
C GLY B 279 -6.86 -0.92 -11.43
N ALA B 280 -8.10 -0.47 -11.60
CA ALA B 280 -9.28 -1.31 -11.36
C ALA B 280 -10.47 -0.76 -12.15
N PRO B 281 -11.47 -1.61 -12.43
CA PRO B 281 -12.66 -1.17 -13.18
C PRO B 281 -13.46 -0.09 -12.47
N MET B 282 -14.54 0.35 -13.10
CA MET B 282 -15.39 1.38 -12.53
C MET B 282 -16.80 0.81 -12.41
N PRO B 283 -17.35 0.81 -11.18
CA PRO B 283 -18.70 0.29 -10.96
C PRO B 283 -19.73 1.17 -11.69
N GLU B 284 -20.65 0.53 -12.40
CA GLU B 284 -21.68 1.25 -13.14
C GLU B 284 -22.36 2.36 -12.34
N ALA B 285 -22.79 2.02 -11.13
CA ALA B 285 -23.45 2.99 -10.26
C ALA B 285 -22.61 4.25 -10.11
N LEU B 286 -21.30 4.07 -9.98
CA LEU B 286 -20.38 5.20 -9.81
C LEU B 286 -20.32 6.04 -11.08
N ILE B 287 -20.25 5.37 -12.22
CA ILE B 287 -20.20 6.05 -13.51
C ILE B 287 -21.45 6.90 -13.72
N LYS B 288 -22.61 6.35 -13.36
CA LYS B 288 -23.85 7.08 -13.52
C LYS B 288 -23.92 8.28 -12.59
N ILE B 289 -23.34 8.14 -11.40
CA ILE B 289 -23.31 9.25 -10.43
C ILE B 289 -22.62 10.46 -11.06
N TYR B 290 -21.40 10.27 -11.56
CA TYR B 290 -20.69 11.37 -12.21
C TYR B 290 -21.37 11.76 -13.51
N ALA B 291 -22.15 10.82 -14.06
CA ALA B 291 -22.89 11.07 -15.30
C ALA B 291 -23.93 12.14 -15.02
N ALA B 292 -24.47 12.12 -13.81
CA ALA B 292 -25.48 13.08 -13.41
C ALA B 292 -24.93 14.50 -13.46
N LYS B 293 -23.68 14.68 -13.01
CA LYS B 293 -23.04 16.00 -13.02
C LYS B 293 -22.43 16.29 -14.39
N ASN B 294 -22.82 15.51 -15.39
CA ASN B 294 -22.32 15.66 -16.75
C ASN B 294 -20.79 15.53 -16.78
N ILE B 295 -20.27 14.55 -16.04
CA ILE B 295 -18.83 14.30 -15.98
C ILE B 295 -18.49 12.94 -16.54
N GLU B 296 -17.66 12.91 -17.58
CA GLU B 296 -17.28 11.66 -18.22
C GLU B 296 -16.14 11.00 -17.47
N VAL B 297 -15.96 9.70 -17.72
CA VAL B 297 -14.91 8.92 -17.08
C VAL B 297 -14.29 7.91 -18.04
N VAL B 298 -12.97 8.04 -18.27
CA VAL B 298 -12.28 7.09 -19.14
C VAL B 298 -11.43 6.15 -18.29
N GLN B 299 -11.47 4.87 -18.63
CA GLN B 299 -10.73 3.84 -17.90
C GLN B 299 -9.60 3.22 -18.71
N GLY B 300 -8.47 2.99 -18.05
CA GLY B 300 -7.35 2.40 -18.74
C GLY B 300 -6.74 1.17 -18.08
N TYR B 301 -6.16 0.31 -18.91
CA TYR B 301 -5.49 -0.89 -18.45
C TYR B 301 -4.03 -0.80 -18.93
N ALA B 302 -3.10 -0.79 -17.99
CA ALA B 302 -1.68 -0.69 -18.30
C ALA B 302 -0.81 -1.41 -17.28
N LEU B 303 0.48 -1.49 -17.57
CA LEU B 303 1.44 -2.11 -16.67
C LEU B 303 2.66 -1.18 -16.57
N THR B 304 3.46 -1.38 -15.53
CA THR B 304 4.64 -0.56 -15.39
C THR B 304 5.52 -0.82 -16.59
N GLU B 305 5.53 -2.08 -17.03
CA GLU B 305 6.33 -2.51 -18.18
C GLU B 305 5.91 -1.82 -19.47
N SER B 306 4.64 -1.38 -19.55
CA SER B 306 4.15 -0.70 -20.75
C SER B 306 4.08 0.81 -20.55
N CYS B 307 4.90 1.30 -19.62
CA CYS B 307 4.98 2.72 -19.32
C CYS B 307 3.62 3.38 -19.11
N GLY B 308 2.74 2.69 -18.39
CA GLY B 308 1.43 3.24 -18.10
C GLY B 308 0.50 3.33 -19.29
N GLY B 309 0.81 2.60 -20.36
CA GLY B 309 -0.03 2.63 -21.54
C GLY B 309 -0.59 1.24 -21.82
N GLY B 310 -1.62 1.17 -22.65
CA GLY B 310 -2.21 -0.12 -22.99
C GLY B 310 -3.57 0.00 -23.63
N THR B 311 -4.62 -0.36 -22.89
CA THR B 311 -5.97 -0.26 -23.43
C THR B 311 -6.71 0.87 -22.74
N LEU B 312 -7.83 1.28 -23.32
CA LEU B 312 -8.63 2.36 -22.75
C LEU B 312 -10.10 2.13 -23.07
N LEU B 313 -10.96 2.37 -22.08
CA LEU B 313 -12.40 2.19 -22.26
C LEU B 313 -13.05 3.57 -22.22
N LEU B 314 -13.54 4.03 -23.38
CA LEU B 314 -14.18 5.33 -23.48
C LEU B 314 -15.48 5.44 -22.70
N SER B 315 -15.83 6.67 -22.32
CA SER B 315 -17.05 6.94 -21.58
C SER B 315 -18.27 6.35 -22.29
N GLU B 316 -18.39 6.63 -23.57
CA GLU B 316 -19.51 6.15 -24.36
C GLU B 316 -19.70 4.64 -24.28
N ASP B 317 -18.68 3.93 -23.81
CA ASP B 317 -18.75 2.47 -23.70
C ASP B 317 -18.77 2.02 -22.23
N ALA B 318 -18.64 2.96 -21.32
CA ALA B 318 -18.62 2.68 -19.89
C ALA B 318 -19.68 1.69 -19.41
N LEU B 319 -20.93 1.94 -19.78
CA LEU B 319 -22.04 1.09 -19.37
C LEU B 319 -22.29 -0.02 -20.39
N ARG B 320 -22.23 0.35 -21.66
CA ARG B 320 -22.46 -0.59 -22.75
C ARG B 320 -21.53 -1.79 -22.69
N LYS B 321 -20.28 -1.56 -22.29
CA LYS B 321 -19.27 -2.63 -22.18
C LYS B 321 -18.70 -2.66 -20.76
N ALA B 322 -19.52 -2.30 -19.79
CA ALA B 322 -19.09 -2.29 -18.39
C ALA B 322 -18.34 -3.58 -18.04
N GLY B 323 -17.22 -3.44 -17.34
CA GLY B 323 -16.43 -4.60 -16.97
C GLY B 323 -15.31 -4.87 -17.95
N SER B 324 -15.24 -4.06 -19.00
CA SER B 324 -14.22 -4.20 -20.03
C SER B 324 -13.04 -3.26 -19.78
N ALA B 325 -11.87 -3.62 -20.30
CA ALA B 325 -10.69 -2.78 -20.16
C ALA B 325 -10.55 -1.90 -21.39
N GLY B 326 -11.54 -1.99 -22.27
CA GLY B 326 -11.53 -1.21 -23.49
C GLY B 326 -10.76 -1.85 -24.63
N ARG B 327 -10.21 -1.01 -25.50
CA ARG B 327 -9.45 -1.50 -26.66
C ARG B 327 -8.08 -0.82 -26.72
N ALA B 328 -7.20 -1.34 -27.57
CA ALA B 328 -5.86 -0.80 -27.72
C ALA B 328 -5.88 0.67 -28.10
N THR B 329 -4.92 1.43 -27.56
CA THR B 329 -4.82 2.84 -27.84
C THR B 329 -3.90 3.10 -29.03
N MET B 330 -3.60 4.36 -29.30
CA MET B 330 -2.72 4.71 -30.41
C MET B 330 -1.29 4.19 -30.19
N PHE B 331 -0.68 3.67 -31.24
CA PHE B 331 0.70 3.16 -31.17
C PHE B 331 0.88 1.88 -30.34
N THR B 332 -0.22 1.22 -29.96
CA THR B 332 -0.08 -0.02 -29.21
C THR B 332 -1.04 -1.08 -29.72
N ASP B 333 -0.55 -2.32 -29.76
CA ASP B 333 -1.34 -3.46 -30.22
C ASP B 333 -1.47 -4.44 -29.06
N VAL B 334 -2.69 -4.90 -28.83
CA VAL B 334 -3.01 -5.84 -27.75
C VAL B 334 -3.71 -7.08 -28.28
N ALA B 335 -3.24 -8.25 -27.83
CA ALA B 335 -3.81 -9.53 -28.25
C ALA B 335 -3.74 -10.55 -27.11
N VAL B 336 -4.04 -11.80 -27.42
CA VAL B 336 -4.00 -12.85 -26.40
C VAL B 336 -3.24 -14.08 -26.87
N ARG B 337 -2.38 -14.58 -25.98
CA ARG B 337 -1.54 -15.73 -26.26
C ARG B 337 -2.15 -16.96 -25.60
N GLY B 338 -2.47 -17.96 -26.41
CA GLY B 338 -3.04 -19.18 -25.87
C GLY B 338 -1.97 -20.13 -25.39
N ASP B 339 -2.37 -21.14 -24.62
CA ASP B 339 -1.42 -22.12 -24.09
C ASP B 339 -0.71 -22.88 -25.21
N ASP B 340 -1.16 -22.67 -26.44
CA ASP B 340 -0.55 -23.33 -27.58
C ASP B 340 0.59 -22.46 -28.09
N GLY B 341 0.67 -21.25 -27.56
CA GLY B 341 1.72 -20.33 -27.95
C GLY B 341 1.32 -19.45 -29.12
N VAL B 342 0.16 -19.73 -29.71
CA VAL B 342 -0.31 -18.95 -30.83
C VAL B 342 -1.00 -17.69 -30.31
N ILE B 343 -0.63 -16.55 -30.88
CA ILE B 343 -1.22 -15.28 -30.48
C ILE B 343 -2.34 -14.95 -31.42
N ARG B 344 -3.52 -14.66 -30.87
CA ARG B 344 -4.69 -14.35 -31.67
C ARG B 344 -5.31 -13.01 -31.36
N GLU B 345 -6.07 -12.49 -32.31
CA GLU B 345 -6.74 -11.20 -32.17
C GLU B 345 -7.90 -11.28 -31.20
N HIS B 346 -8.70 -12.32 -31.34
CA HIS B 346 -9.86 -12.51 -30.47
C HIS B 346 -9.74 -13.84 -29.73
N GLY B 347 -10.47 -13.97 -28.63
CA GLY B 347 -10.42 -15.20 -27.87
C GLY B 347 -9.91 -14.99 -26.46
N GLU B 348 -9.61 -16.08 -25.78
CA GLU B 348 -9.13 -15.99 -24.41
C GLU B 348 -7.68 -16.45 -24.32
N GLY B 349 -7.00 -16.01 -23.27
CA GLY B 349 -5.61 -16.38 -23.07
C GLY B 349 -4.84 -15.30 -22.33
N GLU B 350 -3.52 -15.34 -22.45
CA GLU B 350 -2.68 -14.34 -21.80
C GLU B 350 -2.61 -13.09 -22.66
N VAL B 351 -2.95 -11.95 -22.06
CA VAL B 351 -2.89 -10.69 -22.78
C VAL B 351 -1.43 -10.38 -23.10
N VAL B 352 -1.18 -9.96 -24.33
CA VAL B 352 0.15 -9.61 -24.77
C VAL B 352 0.09 -8.25 -25.41
N ILE B 353 1.23 -7.56 -25.42
CA ILE B 353 1.32 -6.22 -25.97
C ILE B 353 2.50 -6.09 -26.91
N LYS B 354 2.31 -5.33 -27.99
CA LYS B 354 3.37 -5.07 -28.95
C LYS B 354 3.31 -3.57 -29.20
N SER B 355 4.29 -2.85 -28.65
CA SER B 355 4.29 -1.40 -28.76
C SER B 355 5.64 -0.83 -28.36
N ASP B 356 5.99 0.32 -28.90
CA ASP B 356 7.26 0.96 -28.57
C ASP B 356 7.19 1.51 -27.14
N ILE B 357 6.06 1.33 -26.49
CA ILE B 357 5.90 1.80 -25.11
C ILE B 357 6.50 0.77 -24.16
N LEU B 358 6.79 -0.42 -24.70
CA LEU B 358 7.33 -1.50 -23.89
C LEU B 358 8.71 -1.28 -23.31
N LEU B 359 8.92 -1.80 -22.12
CA LEU B 359 10.19 -1.72 -21.43
C LEU B 359 11.30 -2.31 -22.29
N LYS B 360 12.53 -1.83 -22.09
CA LYS B 360 13.67 -2.35 -22.82
C LYS B 360 14.06 -3.69 -22.22
N GLU B 361 13.98 -3.80 -20.90
CA GLU B 361 14.36 -5.02 -20.21
C GLU B 361 14.07 -4.85 -18.73
N TYR B 362 14.34 -5.91 -17.97
CA TYR B 362 14.20 -5.86 -16.53
C TYR B 362 15.65 -5.62 -16.11
N TRP B 363 15.86 -4.64 -15.24
CA TRP B 363 17.22 -4.33 -14.79
C TRP B 363 17.88 -5.54 -14.15
N ASN B 364 18.98 -5.98 -14.75
CA ASN B 364 19.75 -7.12 -14.26
C ASN B 364 18.91 -8.35 -13.91
N ARG B 365 18.05 -8.75 -14.84
CA ARG B 365 17.20 -9.94 -14.69
C ARG B 365 17.08 -10.56 -16.08
N PRO B 366 18.18 -11.13 -16.59
CA PRO B 366 18.22 -11.76 -17.92
C PRO B 366 17.11 -12.76 -18.20
N GLU B 367 16.93 -13.72 -17.29
CA GLU B 367 15.92 -14.76 -17.46
C GLU B 367 14.50 -14.19 -17.47
N ALA B 368 14.23 -13.25 -16.58
CA ALA B 368 12.90 -12.66 -16.52
C ALA B 368 12.63 -11.92 -17.84
N THR B 369 13.63 -11.19 -18.30
CA THR B 369 13.51 -10.43 -19.54
C THR B 369 13.20 -11.33 -20.73
N ARG B 370 14.01 -12.36 -20.94
CA ARG B 370 13.77 -13.25 -22.08
C ARG B 370 12.43 -13.98 -22.01
N ASP B 371 12.01 -14.40 -20.81
CA ASP B 371 10.73 -15.10 -20.67
C ASP B 371 9.57 -14.14 -20.89
N ALA B 372 9.78 -12.87 -20.57
CA ALA B 372 8.74 -11.86 -20.73
C ALA B 372 8.36 -11.61 -22.19
N PHE B 373 9.28 -11.90 -23.11
CA PHE B 373 9.02 -11.67 -24.53
C PHE B 373 8.87 -12.93 -25.36
N ASP B 374 8.07 -12.79 -26.42
CA ASP B 374 7.81 -13.88 -27.35
C ASP B 374 7.66 -13.26 -28.73
N ASN B 375 8.75 -13.30 -29.49
CA ASN B 375 8.77 -12.74 -30.83
C ASN B 375 8.10 -11.38 -30.99
N GLY B 376 8.54 -10.41 -30.21
CA GLY B 376 7.98 -9.07 -30.32
C GLY B 376 6.91 -8.70 -29.33
N TRP B 377 6.18 -9.70 -28.84
CA TRP B 377 5.11 -9.45 -27.89
C TRP B 377 5.54 -9.64 -26.44
N PHE B 378 5.06 -8.76 -25.58
CA PHE B 378 5.36 -8.82 -24.17
C PHE B 378 4.23 -9.57 -23.45
N ARG B 379 4.60 -10.47 -22.56
CA ARG B 379 3.62 -11.25 -21.82
C ARG B 379 3.27 -10.58 -20.50
N THR B 380 2.04 -10.08 -20.40
CA THR B 380 1.56 -9.38 -19.21
C THR B 380 1.37 -10.23 -17.95
N GLY B 381 1.15 -11.52 -18.13
CA GLY B 381 0.92 -12.37 -16.98
C GLY B 381 -0.56 -12.33 -16.65
N ASP B 382 -1.31 -11.48 -17.35
CA ASP B 382 -2.75 -11.36 -17.13
C ASP B 382 -3.52 -12.28 -18.06
N ILE B 383 -4.61 -12.84 -17.55
CA ILE B 383 -5.46 -13.70 -18.37
C ILE B 383 -6.59 -12.79 -18.81
N GLY B 384 -7.05 -12.96 -20.03
CA GLY B 384 -8.12 -12.11 -20.50
C GLY B 384 -8.88 -12.69 -21.67
N GLU B 385 -9.90 -11.95 -22.10
CA GLU B 385 -10.72 -12.35 -23.22
C GLU B 385 -11.06 -11.12 -24.07
N ILE B 386 -10.98 -11.29 -25.38
CA ILE B 386 -11.30 -10.21 -26.29
C ILE B 386 -12.53 -10.64 -27.08
N ASP B 387 -13.67 -10.03 -26.76
CA ASP B 387 -14.92 -10.38 -27.44
C ASP B 387 -14.83 -10.11 -28.93
N ASP B 388 -15.94 -10.36 -29.62
CA ASP B 388 -16.01 -10.18 -31.08
C ASP B 388 -15.84 -8.75 -31.55
N GLU B 389 -16.17 -7.78 -30.71
CA GLU B 389 -16.04 -6.39 -31.10
C GLU B 389 -14.63 -5.87 -30.82
N GLY B 390 -13.82 -6.72 -30.18
CA GLY B 390 -12.46 -6.34 -29.87
C GLY B 390 -12.25 -5.69 -28.52
N TYR B 391 -13.20 -5.87 -27.61
CA TYR B 391 -13.10 -5.31 -26.28
C TYR B 391 -12.43 -6.34 -25.37
N LEU B 392 -11.50 -5.87 -24.54
CA LEU B 392 -10.74 -6.73 -23.63
C LEU B 392 -11.34 -6.85 -22.23
N TYR B 393 -11.20 -8.03 -21.65
CA TYR B 393 -11.70 -8.29 -20.30
C TYR B 393 -10.62 -8.98 -19.48
N ILE B 394 -10.20 -8.34 -18.39
CA ILE B 394 -9.18 -8.91 -17.53
C ILE B 394 -9.81 -9.93 -16.60
N LYS B 395 -9.13 -11.05 -16.43
CA LYS B 395 -9.64 -12.11 -15.58
C LYS B 395 -8.57 -12.71 -14.66
N ASP B 396 -7.69 -11.82 -14.19
CA ASP B 396 -6.60 -12.15 -13.28
C ASP B 396 -5.38 -12.91 -13.77
N ARG B 397 -4.39 -12.96 -12.88
CA ARG B 397 -3.10 -13.60 -13.07
C ARG B 397 -3.10 -14.96 -13.76
N LEU B 398 -1.93 -15.32 -14.30
CA LEU B 398 -1.75 -16.59 -15.00
C LEU B 398 -1.22 -17.63 -14.02
#